data_1T7H
# 
_entry.id   1T7H 
# 
_audit_conform.dict_name       mmcif_pdbx.dic 
_audit_conform.dict_version    5.398 
_audit_conform.dict_location   http://mmcif.pdb.org/dictionaries/ascii/mmcif_pdbx.dic 
# 
loop_
_database_2.database_id 
_database_2.database_code 
_database_2.pdbx_database_accession 
_database_2.pdbx_DOI 
PDB   1T7H         pdb_00001t7h 10.2210/pdb1t7h/pdb 
RCSB  RCSB022408   ?            ?                   
WWPDB D_1000022408 ?            ?                   
# 
loop_
_pdbx_audit_revision_history.ordinal 
_pdbx_audit_revision_history.data_content_type 
_pdbx_audit_revision_history.major_revision 
_pdbx_audit_revision_history.minor_revision 
_pdbx_audit_revision_history.revision_date 
1 'Structure model' 1 0 2004-12-21 
2 'Structure model' 1 1 2008-04-30 
3 'Structure model' 1 2 2011-07-13 
4 'Structure model' 1 3 2017-10-11 
5 'Structure model' 1 4 2024-11-06 
# 
_pdbx_audit_revision_details.ordinal             1 
_pdbx_audit_revision_details.revision_ordinal    1 
_pdbx_audit_revision_details.data_content_type   'Structure model' 
_pdbx_audit_revision_details.provider            repository 
_pdbx_audit_revision_details.type                'Initial release' 
_pdbx_audit_revision_details.description         ? 
_pdbx_audit_revision_details.details             ? 
# 
loop_
_pdbx_audit_revision_group.ordinal 
_pdbx_audit_revision_group.revision_ordinal 
_pdbx_audit_revision_group.data_content_type 
_pdbx_audit_revision_group.group 
1 2 'Structure model' 'Version format compliance' 
2 3 'Structure model' 'Version format compliance' 
3 4 'Structure model' 'Refinement description'    
4 5 'Structure model' 'Data collection'           
5 5 'Structure model' 'Database references'       
6 5 'Structure model' 'Structure summary'         
# 
loop_
_pdbx_audit_revision_category.ordinal 
_pdbx_audit_revision_category.revision_ordinal 
_pdbx_audit_revision_category.data_content_type 
_pdbx_audit_revision_category.category 
1 4 'Structure model' software                  
2 5 'Structure model' chem_comp_atom            
3 5 'Structure model' chem_comp_bond            
4 5 'Structure model' database_2                
5 5 'Structure model' pdbx_entry_details        
6 5 'Structure model' pdbx_modification_feature 
# 
loop_
_pdbx_audit_revision_item.ordinal 
_pdbx_audit_revision_item.revision_ordinal 
_pdbx_audit_revision_item.data_content_type 
_pdbx_audit_revision_item.item 
1 4 'Structure model' '_software.name'                      
2 5 'Structure model' '_database_2.pdbx_DOI'                
3 5 'Structure model' '_database_2.pdbx_database_accession' 
# 
_pdbx_database_status.status_code                     REL 
_pdbx_database_status.entry_id                        1T7H 
_pdbx_database_status.recvd_initial_deposition_date   2004-05-10 
_pdbx_database_status.deposit_site                    RCSB 
_pdbx_database_status.process_site                    RCSB 
_pdbx_database_status.status_code_sf                  REL 
_pdbx_database_status.SG_entry                        . 
_pdbx_database_status.pdb_format_compatible           Y 
_pdbx_database_status.status_code_mr                  ? 
_pdbx_database_status.status_code_cs                  ? 
_pdbx_database_status.methods_development_category    ? 
_pdbx_database_status.status_code_nmr_data            ? 
# 
loop_
_audit_author.name 
_audit_author.pdbx_ordinal 
'Hoh, F.'       1  
'Cerdan, R.'    2  
'Kaas, Q.'      3  
'Nishi, Y.'     4  
'Chiche, L.'    5  
'Kubo, S.'      6  
'Chino, N.'     7  
'Kobayashi, Y.' 8  
'Dumas, C.'     9  
'Aumelas, A.'   10 
# 
_citation.id                        primary 
_citation.title                     
'High-resolution X-ray structure of the unexpectedly stable dimer of the [Lys(-2)-Arg(-1)-des(17-21)]endothelin-1 peptide' 
_citation.journal_abbrev            Biochemistry 
_citation.journal_volume            43 
_citation.page_first                15154 
_citation.page_last                 15168 
_citation.year                      2004 
_citation.journal_id_ASTM           BICHAW 
_citation.country                   US 
_citation.journal_id_ISSN           0006-2960 
_citation.journal_id_CSD            0033 
_citation.book_publisher            ? 
_citation.pdbx_database_id_PubMed   15568807 
_citation.pdbx_database_id_DOI      10.1021/bi049098a 
# 
loop_
_citation_author.citation_id 
_citation_author.name 
_citation_author.ordinal 
_citation_author.identifier_ORCID 
primary 'Hoh, F.'       1  ? 
primary 'Cerdan, R.'    2  ? 
primary 'Kaas, Q.'      3  ? 
primary 'Nishi, Y.'     4  ? 
primary 'Chiche, L.'    5  ? 
primary 'Kubo, S.'      6  ? 
primary 'Chino, N.'     7  ? 
primary 'Kobayashi, Y.' 8  ? 
primary 'Dumas, C.'     9  ? 
primary 'Aumelas, A.'   10 ? 
# 
loop_
_entity.id 
_entity.type 
_entity.src_method 
_entity.pdbx_description 
_entity.formula_weight 
_entity.pdbx_number_of_molecules 
_entity.pdbx_ec 
_entity.pdbx_mutation 
_entity.pdbx_fragment 
_entity.details 
1 polymer man Endothelin-1 2143.554 2  ? ? ? ? 
2 water   nat water        18.015   58 ? ? ? ? 
# 
_entity_name_com.entity_id   1 
_entity_name_com.name        'ET-1, [Lys(-2)-Arg(-1)-des(17-21)]-endothelin-1' 
# 
_entity_poly.entity_id                      1 
_entity_poly.type                           'polypeptide(L)' 
_entity_poly.nstd_linkage                   no 
_entity_poly.nstd_monomer                   no 
_entity_poly.pdbx_seq_one_letter_code       KRCSCSSLMDKECVYFCH 
_entity_poly.pdbx_seq_one_letter_code_can   KRCSCSSLMDKECVYFCH 
_entity_poly.pdbx_strand_id                 A,B 
_entity_poly.pdbx_target_identifier         ? 
# 
_pdbx_entity_nonpoly.entity_id   2 
_pdbx_entity_nonpoly.name        water 
_pdbx_entity_nonpoly.comp_id     HOH 
# 
loop_
_entity_poly_seq.entity_id 
_entity_poly_seq.num 
_entity_poly_seq.mon_id 
_entity_poly_seq.hetero 
1 1  LYS n 
1 2  ARG n 
1 3  CYS n 
1 4  SER n 
1 5  CYS n 
1 6  SER n 
1 7  SER n 
1 8  LEU n 
1 9  MET n 
1 10 ASP n 
1 11 LYS n 
1 12 GLU n 
1 13 CYS n 
1 14 VAL n 
1 15 TYR n 
1 16 PHE n 
1 17 CYS n 
1 18 HIS n 
# 
_entity_src_gen.entity_id                          1 
_entity_src_gen.pdbx_src_id                        1 
_entity_src_gen.pdbx_alt_source_flag               sample 
_entity_src_gen.pdbx_seq_type                      ? 
_entity_src_gen.pdbx_beg_seq_num                   ? 
_entity_src_gen.pdbx_end_seq_num                   ? 
_entity_src_gen.gene_src_common_name               human 
_entity_src_gen.gene_src_genus                     Homo 
_entity_src_gen.pdbx_gene_src_gene                 EDN1 
_entity_src_gen.gene_src_species                   ? 
_entity_src_gen.gene_src_strain                    ? 
_entity_src_gen.gene_src_tissue                    ? 
_entity_src_gen.gene_src_tissue_fraction           ? 
_entity_src_gen.gene_src_details                   ? 
_entity_src_gen.pdbx_gene_src_fragment             ? 
_entity_src_gen.pdbx_gene_src_scientific_name      'Homo sapiens' 
_entity_src_gen.pdbx_gene_src_ncbi_taxonomy_id     9606 
_entity_src_gen.pdbx_gene_src_variant              ? 
_entity_src_gen.pdbx_gene_src_cell_line            ? 
_entity_src_gen.pdbx_gene_src_atcc                 ? 
_entity_src_gen.pdbx_gene_src_organ                ? 
_entity_src_gen.pdbx_gene_src_organelle            ? 
_entity_src_gen.pdbx_gene_src_cell                 ? 
_entity_src_gen.pdbx_gene_src_cellular_location    ? 
_entity_src_gen.host_org_common_name               ? 
_entity_src_gen.pdbx_host_org_scientific_name      ? 
_entity_src_gen.pdbx_host_org_ncbi_taxonomy_id     ? 
_entity_src_gen.host_org_genus                     ? 
_entity_src_gen.pdbx_host_org_gene                 ? 
_entity_src_gen.pdbx_host_org_organ                ? 
_entity_src_gen.host_org_species                   ? 
_entity_src_gen.pdbx_host_org_tissue               ? 
_entity_src_gen.pdbx_host_org_tissue_fraction      ? 
_entity_src_gen.pdbx_host_org_strain               ? 
_entity_src_gen.pdbx_host_org_variant              ? 
_entity_src_gen.pdbx_host_org_cell_line            ? 
_entity_src_gen.pdbx_host_org_atcc                 ? 
_entity_src_gen.pdbx_host_org_culture_collection   ? 
_entity_src_gen.pdbx_host_org_cell                 ? 
_entity_src_gen.pdbx_host_org_organelle            ? 
_entity_src_gen.pdbx_host_org_cellular_location    ? 
_entity_src_gen.pdbx_host_org_vector_type          ? 
_entity_src_gen.pdbx_host_org_vector               ? 
_entity_src_gen.host_org_details                   ? 
_entity_src_gen.expression_system_id               ? 
_entity_src_gen.plasmid_name                       ? 
_entity_src_gen.plasmid_details                    ? 
_entity_src_gen.pdbx_description                   ? 
# 
loop_
_chem_comp.id 
_chem_comp.type 
_chem_comp.mon_nstd_flag 
_chem_comp.name 
_chem_comp.pdbx_synonyms 
_chem_comp.formula 
_chem_comp.formula_weight 
ARG 'L-peptide linking' y ARGININE        ? 'C6 H15 N4 O2 1' 175.209 
ASP 'L-peptide linking' y 'ASPARTIC ACID' ? 'C4 H7 N O4'     133.103 
CYS 'L-peptide linking' y CYSTEINE        ? 'C3 H7 N O2 S'   121.158 
GLU 'L-peptide linking' y 'GLUTAMIC ACID' ? 'C5 H9 N O4'     147.129 
HIS 'L-peptide linking' y HISTIDINE       ? 'C6 H10 N3 O2 1' 156.162 
HOH non-polymer         . WATER           ? 'H2 O'           18.015  
LEU 'L-peptide linking' y LEUCINE         ? 'C6 H13 N O2'    131.173 
LYS 'L-peptide linking' y LYSINE          ? 'C6 H15 N2 O2 1' 147.195 
MET 'L-peptide linking' y METHIONINE      ? 'C5 H11 N O2 S'  149.211 
PHE 'L-peptide linking' y PHENYLALANINE   ? 'C9 H11 N O2'    165.189 
SER 'L-peptide linking' y SERINE          ? 'C3 H7 N O3'     105.093 
TYR 'L-peptide linking' y TYROSINE        ? 'C9 H11 N O3'    181.189 
VAL 'L-peptide linking' y VALINE          ? 'C5 H11 N O2'    117.146 
# 
loop_
_pdbx_poly_seq_scheme.asym_id 
_pdbx_poly_seq_scheme.entity_id 
_pdbx_poly_seq_scheme.seq_id 
_pdbx_poly_seq_scheme.mon_id 
_pdbx_poly_seq_scheme.ndb_seq_num 
_pdbx_poly_seq_scheme.pdb_seq_num 
_pdbx_poly_seq_scheme.auth_seq_num 
_pdbx_poly_seq_scheme.pdb_mon_id 
_pdbx_poly_seq_scheme.auth_mon_id 
_pdbx_poly_seq_scheme.pdb_strand_id 
_pdbx_poly_seq_scheme.pdb_ins_code 
_pdbx_poly_seq_scheme.hetero 
A 1 1  LYS 1  1  1  LYS LYS A . n 
A 1 2  ARG 2  2  2  ARG ARG A . n 
A 1 3  CYS 3  3  3  CYS CYS A . n 
A 1 4  SER 4  4  4  SER SER A . n 
A 1 5  CYS 5  5  5  CYS CYS A . n 
A 1 6  SER 6  6  6  SER SER A . n 
A 1 7  SER 7  7  7  SER SER A . n 
A 1 8  LEU 8  8  8  LEU LEU A . n 
A 1 9  MET 9  9  9  MET MET A . n 
A 1 10 ASP 10 10 10 ASP ASP A . n 
A 1 11 LYS 11 11 11 LYS LYS A . n 
A 1 12 GLU 12 12 12 GLU GLU A . n 
A 1 13 CYS 13 13 13 CYS CYS A . n 
A 1 14 VAL 14 14 14 VAL VAL A . n 
A 1 15 TYR 15 15 15 TYR TYR A . n 
A 1 16 PHE 16 16 16 PHE PHE A . n 
A 1 17 CYS 17 17 17 CYS CYS A . n 
A 1 18 HIS 18 18 18 HIS HIS A . n 
B 1 1  LYS 1  1  1  LYS LYS B . n 
B 1 2  ARG 2  2  2  ARG ARG B . n 
B 1 3  CYS 3  3  3  CYS CYS B . n 
B 1 4  SER 4  4  4  SER SER B . n 
B 1 5  CYS 5  5  5  CYS CYS B . n 
B 1 6  SER 6  6  6  SER SER B . n 
B 1 7  SER 7  7  7  SER SER B . n 
B 1 8  LEU 8  8  8  LEU LEU B . n 
B 1 9  MET 9  9  9  MET MET B . n 
B 1 10 ASP 10 10 10 ASP ASP B . n 
B 1 11 LYS 11 11 11 LYS LYS B . n 
B 1 12 GLU 12 12 12 GLU GLU B . n 
B 1 13 CYS 13 13 13 CYS CYS B . n 
B 1 14 VAL 14 14 14 VAL VAL B . n 
B 1 15 TYR 15 15 15 TYR TYR B . n 
B 1 16 PHE 16 16 16 PHE PHE B . n 
B 1 17 CYS 17 17 17 CYS CYS B . n 
B 1 18 HIS 18 18 18 HIS HIS B . n 
# 
loop_
_pdbx_nonpoly_scheme.asym_id 
_pdbx_nonpoly_scheme.entity_id 
_pdbx_nonpoly_scheme.mon_id 
_pdbx_nonpoly_scheme.ndb_seq_num 
_pdbx_nonpoly_scheme.pdb_seq_num 
_pdbx_nonpoly_scheme.auth_seq_num 
_pdbx_nonpoly_scheme.pdb_mon_id 
_pdbx_nonpoly_scheme.auth_mon_id 
_pdbx_nonpoly_scheme.pdb_strand_id 
_pdbx_nonpoly_scheme.pdb_ins_code 
C 2 HOH 1  19 3  HOH HOH A . 
C 2 HOH 2  20 4  HOH HOH A . 
C 2 HOH 3  21 5  HOH HOH A . 
C 2 HOH 4  22 17 HOH HOH A . 
C 2 HOH 5  23 22 HOH HOH A . 
C 2 HOH 6  24 26 HOH HOH A . 
C 2 HOH 7  25 29 HOH HOH A . 
C 2 HOH 8  26 30 HOH HOH A . 
C 2 HOH 9  27 31 HOH HOH A . 
C 2 HOH 10 28 32 HOH HOH A . 
C 2 HOH 11 29 33 HOH HOH A . 
C 2 HOH 12 30 34 HOH HOH A . 
C 2 HOH 13 31 35 HOH HOH A . 
C 2 HOH 14 32 36 HOH HOH A . 
C 2 HOH 15 33 37 HOH HOH A . 
C 2 HOH 16 34 38 HOH HOH A . 
C 2 HOH 17 35 40 HOH HOH A . 
C 2 HOH 18 36 41 HOH HOH A . 
C 2 HOH 19 37 42 HOH HOH A . 
C 2 HOH 20 38 43 HOH HOH A . 
C 2 HOH 21 39 44 HOH HOH A . 
C 2 HOH 22 40 45 HOH HOH A . 
C 2 HOH 23 41 46 HOH HOH A . 
C 2 HOH 24 42 47 HOH HOH A . 
C 2 HOH 25 43 48 HOH HOH A . 
C 2 HOH 26 44 49 HOH HOH A . 
C 2 HOH 27 45 50 HOH HOH A . 
C 2 HOH 28 46 51 HOH HOH A . 
C 2 HOH 29 47 52 HOH HOH A . 
C 2 HOH 30 48 57 HOH HOH A . 
D 2 HOH 1  19 1  HOH HOH B . 
D 2 HOH 2  20 2  HOH HOH B . 
D 2 HOH 3  21 6  HOH HOH B . 
D 2 HOH 4  22 7  HOH HOH B . 
D 2 HOH 5  23 8  HOH HOH B . 
D 2 HOH 6  24 9  HOH HOH B . 
D 2 HOH 7  25 10 HOH HOH B . 
D 2 HOH 8  26 11 HOH HOH B . 
D 2 HOH 9  27 12 HOH HOH B . 
D 2 HOH 10 28 13 HOH HOH B . 
D 2 HOH 11 29 14 HOH HOH B . 
D 2 HOH 12 30 15 HOH HOH B . 
D 2 HOH 13 31 16 HOH HOH B . 
D 2 HOH 14 32 18 HOH HOH B . 
D 2 HOH 15 33 19 HOH HOH B . 
D 2 HOH 16 34 20 HOH HOH B . 
D 2 HOH 17 35 21 HOH HOH B . 
D 2 HOH 18 36 23 HOH HOH B . 
D 2 HOH 19 37 24 HOH HOH B . 
D 2 HOH 20 38 25 HOH HOH B . 
D 2 HOH 21 39 27 HOH HOH B . 
D 2 HOH 22 40 28 HOH HOH B . 
D 2 HOH 23 41 39 HOH HOH B . 
D 2 HOH 24 42 53 HOH HOH B . 
D 2 HOH 25 43 54 HOH HOH B . 
D 2 HOH 26 44 55 HOH HOH B . 
D 2 HOH 27 45 56 HOH HOH B . 
D 2 HOH 28 46 58 HOH HOH B . 
# 
loop_
_software.name 
_software.classification 
_software.version 
_software.citation_id 
_software.pdbx_ordinal 
REFMAC refinement       5.1.9999  ? 1 
DENZO  'data reduction' .         ? 2 
CCP4   'data scaling'   '(SCALA)' ? 3 
SnB    phasing          .         ? 4 
# 
_cell.entry_id           1T7H 
_cell.length_a           30.136 
_cell.length_b           53.926 
_cell.length_c           19.486 
_cell.angle_alpha        90.00 
_cell.angle_beta         90.00 
_cell.angle_gamma        90.00 
_cell.Z_PDB              8 
_cell.pdbx_unique_axis   ? 
# 
_symmetry.entry_id                         1T7H 
_symmetry.space_group_name_H-M             'P 21 21 2' 
_symmetry.pdbx_full_space_group_name_H-M   ? 
_symmetry.cell_setting                     ? 
_symmetry.Int_Tables_number                18 
_symmetry.space_group_name_Hall            ? 
# 
_exptl.entry_id          1T7H 
_exptl.method            'X-RAY DIFFRACTION' 
_exptl.crystals_number   1 
# 
_exptl_crystal.id                    1 
_exptl_crystal.density_meas          ? 
_exptl_crystal.density_Matthews      1.85 
_exptl_crystal.density_percent_sol   33.0 
_exptl_crystal.description           ? 
_exptl_crystal.F_000                 ? 
_exptl_crystal.preparation           ? 
# 
_exptl_crystal_grow.crystal_id      1 
_exptl_crystal_grow.method          ? 
_exptl_crystal_grow.temp            291.0 
_exptl_crystal_grow.temp_details    ? 
_exptl_crystal_grow.pH              5.00 
_exptl_crystal_grow.pdbx_details    
'PEG 4000, isopropanol, sodium citrate, pH 5.0, VAPOR DIFFUSION, HANGING DROP, temperature 291.0K, pH 5.00' 
_exptl_crystal_grow.pdbx_pH_range   . 
# 
_diffrn.id                     1 
_diffrn.ambient_temp           100.0 
_diffrn.ambient_temp_details   ? 
_diffrn.crystal_id             1 
# 
_diffrn_detector.diffrn_id              1 
_diffrn_detector.detector               CCD 
_diffrn_detector.type                   MARRESEARCH 
_diffrn_detector.pdbx_collection_date   2002-09-15 
_diffrn_detector.details                ? 
# 
_diffrn_radiation.diffrn_id                        1 
_diffrn_radiation.wavelength_id                    1 
_diffrn_radiation.pdbx_monochromatic_or_laue_m_l   M 
_diffrn_radiation.monochromator                    MIRRORS 
_diffrn_radiation.pdbx_diffrn_protocol             'SINGLE WAVELENGTH' 
_diffrn_radiation.pdbx_scattering_type             x-ray 
# 
_diffrn_radiation_wavelength.id           1 
_diffrn_radiation_wavelength.wavelength   0.80 
_diffrn_radiation_wavelength.wt           1.0 
# 
_diffrn_source.diffrn_id                   1 
_diffrn_source.source                      SYNCHROTRON 
_diffrn_source.type                        'ESRF BEAMLINE BM14' 
_diffrn_source.pdbx_synchrotron_site       ESRF 
_diffrn_source.pdbx_synchrotron_beamline   BM14 
_diffrn_source.pdbx_wavelength             0.80 
_diffrn_source.pdbx_wavelength_list        ? 
# 
_reflns.entry_id                     1T7H 
_reflns.observed_criterion_sigma_I   0.000 
_reflns.observed_criterion_sigma_F   ? 
_reflns.d_resolution_low             18.300 
_reflns.d_resolution_high            1.130 
_reflns.number_obs                   12081 
_reflns.number_all                   ? 
_reflns.percent_possible_obs         99.2 
_reflns.pdbx_Rmerge_I_obs            0.07 
_reflns.pdbx_Rsym_value              ? 
_reflns.pdbx_netI_over_sigmaI        ? 
_reflns.B_iso_Wilson_estimate        ? 
_reflns.pdbx_redundancy              ? 
_reflns.R_free_details               ? 
_reflns.limit_h_max                  ? 
_reflns.limit_h_min                  ? 
_reflns.limit_k_max                  ? 
_reflns.limit_k_min                  ? 
_reflns.limit_l_max                  ? 
_reflns.limit_l_min                  ? 
_reflns.observed_criterion_F_max     ? 
_reflns.observed_criterion_F_min     ? 
_reflns.pdbx_chi_squared             ? 
_reflns.pdbx_scaling_rejects         ? 
_reflns.pdbx_diffrn_id               1 
_reflns.pdbx_ordinal                 1 
# 
_reflns_shell.d_res_high             1.13 
_reflns_shell.d_res_low              1.16 
_reflns_shell.percent_possible_all   99.5 
_reflns_shell.Rmerge_I_obs           ? 
_reflns_shell.pdbx_Rsym_value        ? 
_reflns_shell.meanI_over_sigI_obs    ? 
_reflns_shell.pdbx_redundancy        ? 
_reflns_shell.percent_possible_obs   ? 
_reflns_shell.number_unique_all      ? 
_reflns_shell.number_measured_all    ? 
_reflns_shell.number_measured_obs    ? 
_reflns_shell.number_unique_obs      ? 
_reflns_shell.pdbx_chi_squared       ? 
_reflns_shell.pdbx_diffrn_id         ? 
_reflns_shell.pdbx_ordinal           1 
# 
_refine.entry_id                                 1T7H 
_refine.ls_number_reflns_obs                     12054 
_refine.ls_number_reflns_all                     12054 
_refine.pdbx_ls_sigma_I                          ? 
_refine.pdbx_ls_sigma_F                          0.000 
_refine.pdbx_data_cutoff_high_absF               ? 
_refine.pdbx_data_cutoff_low_absF                ? 
_refine.pdbx_data_cutoff_high_rms_absF           ? 
_refine.ls_d_res_low                             10.00 
_refine.ls_d_res_high                            1.13 
_refine.ls_percent_reflns_obs                    99.2 
_refine.ls_R_factor_obs                          0.122 
_refine.ls_R_factor_all                          ? 
_refine.ls_R_factor_R_work                       0.12 
_refine.ls_R_factor_R_free                       0.134 
_refine.ls_R_factor_R_free_error                 ? 
_refine.ls_R_factor_R_free_error_details         ? 
_refine.ls_percent_reflns_R_free                 4.800 
_refine.ls_number_reflns_R_free                  613 
_refine.ls_number_parameters                     ? 
_refine.ls_number_restraints                     ? 
_refine.occupancy_min                            ? 
_refine.occupancy_max                            ? 
_refine.correlation_coeff_Fo_to_Fc               0.974 
_refine.correlation_coeff_Fo_to_Fc_free          0.972 
_refine.B_iso_mean                               8.68 
_refine.aniso_B[1][1]                            0.04000 
_refine.aniso_B[2][2]                            -0.03000 
_refine.aniso_B[3][3]                            -0.01000 
_refine.aniso_B[1][2]                            0.00000 
_refine.aniso_B[1][3]                            0.00000 
_refine.aniso_B[2][3]                            0.00000 
_refine.solvent_model_details                    'BABINET MODEL WITH MASK' 
_refine.solvent_model_param_ksol                 ? 
_refine.solvent_model_param_bsol                 ? 
_refine.pdbx_solvent_vdw_probe_radii             1.20 
_refine.pdbx_solvent_ion_probe_radii             0.80 
_refine.pdbx_solvent_shrinkage_radii             0.80 
_refine.pdbx_ls_cross_valid_method               THROUGHOUT 
_refine.details                                  'HYDROGENS HAVE BEEN ADDED IN THE RIDING POSITIONS' 
_refine.pdbx_starting_model                      ? 
_refine.pdbx_method_to_determine_struct          'AB INITIO PHASING' 
_refine.pdbx_isotropic_thermal_model             ? 
_refine.pdbx_stereochemistry_target_values       'MAXIMUM LIKELIHOOD' 
_refine.pdbx_stereochem_target_val_spec_case     ? 
_refine.pdbx_R_Free_selection_details            RANDOM 
_refine.pdbx_overall_ESU_R                       0.028 
_refine.pdbx_overall_ESU_R_Free                  0.027 
_refine.overall_SU_ML                            0.014 
_refine.overall_SU_B                             0.602 
_refine.ls_redundancy_reflns_obs                 ? 
_refine.B_iso_min                                ? 
_refine.B_iso_max                                ? 
_refine.overall_SU_R_Cruickshank_DPI             ? 
_refine.overall_SU_R_free                        ? 
_refine.ls_wR_factor_R_free                      ? 
_refine.ls_wR_factor_R_work                      ? 
_refine.overall_FOM_free_R_set                   ? 
_refine.overall_FOM_work_R_set                   ? 
_refine.pdbx_refine_id                           'X-RAY DIFFRACTION' 
_refine.pdbx_diffrn_id                           1 
_refine.pdbx_TLS_residual_ADP_flag               ? 
_refine.pdbx_overall_phase_error                 ? 
_refine.pdbx_overall_SU_R_free_Cruickshank_DPI   ? 
_refine.pdbx_overall_SU_R_Blow_DPI               ? 
_refine.pdbx_overall_SU_R_free_Blow_DPI          ? 
# 
_refine_hist.pdbx_refine_id                   'X-RAY DIFFRACTION' 
_refine_hist.cycle_id                         LAST 
_refine_hist.pdbx_number_atoms_protein        307 
_refine_hist.pdbx_number_atoms_nucleic_acid   0 
_refine_hist.pdbx_number_atoms_ligand         0 
_refine_hist.number_atoms_solvent             58 
_refine_hist.number_atoms_total               365 
_refine_hist.d_res_high                       1.13 
_refine_hist.d_res_low                        10.00 
# 
loop_
_refine_ls_restr.type 
_refine_ls_restr.dev_ideal 
_refine_ls_restr.dev_ideal_target 
_refine_ls_restr.weight 
_refine_ls_restr.number 
_refine_ls_restr.pdbx_refine_id 
_refine_ls_restr.pdbx_restraint_function 
r_bond_refined_d         0.021  0.021  ? 315 'X-RAY DIFFRACTION' ? 
r_bond_other_d           0.003  0.020  ? 272 'X-RAY DIFFRACTION' ? 
r_angle_refined_deg      1.930  1.986  ? 417 'X-RAY DIFFRACTION' ? 
r_angle_other_deg        1.036  3.000  ? 647 'X-RAY DIFFRACTION' ? 
r_dihedral_angle_1_deg   5.344  5.000  ? 34  'X-RAY DIFFRACTION' ? 
r_dihedral_angle_2_deg   29.313 22.308 ? 13  'X-RAY DIFFRACTION' ? 
r_dihedral_angle_3_deg   11.989 15.000 ? 70  'X-RAY DIFFRACTION' ? 
r_dihedral_angle_4_deg   5.892  15.000 ? 2   'X-RAY DIFFRACTION' ? 
r_chiral_restr           0.134  0.200  ? 45  'X-RAY DIFFRACTION' ? 
r_gen_planes_refined     0.008  0.020  ? 318 'X-RAY DIFFRACTION' ? 
r_gen_planes_other       0.001  0.020  ? 64  'X-RAY DIFFRACTION' ? 
r_nbd_refined            0.216  0.200  ? 91  'X-RAY DIFFRACTION' ? 
r_nbd_other              0.260  0.200  ? 325 'X-RAY DIFFRACTION' ? 
r_nbtor_refined          ?      ?      ? ?   'X-RAY DIFFRACTION' ? 
r_nbtor_other            0.089  0.200  ? 177 'X-RAY DIFFRACTION' ? 
r_xyhbond_nbd_refined    0.134  0.200  ? 25  'X-RAY DIFFRACTION' ? 
r_xyhbond_nbd_other      ?      ?      ? ?   'X-RAY DIFFRACTION' ? 
r_metal_ion_refined      ?      ?      ? ?   'X-RAY DIFFRACTION' ? 
r_metal_ion_other        ?      ?      ? ?   'X-RAY DIFFRACTION' ? 
r_symmetry_vdw_refined   0.203  0.200  ? 16  'X-RAY DIFFRACTION' ? 
r_symmetry_vdw_other     0.249  0.200  ? 48  'X-RAY DIFFRACTION' ? 
r_symmetry_hbond_refined 0.183  0.200  ? 9   'X-RAY DIFFRACTION' ? 
r_symmetry_hbond_other   ?      ?      ? ?   'X-RAY DIFFRACTION' ? 
r_mcbond_it              2.184  1.500  ? 238 'X-RAY DIFFRACTION' ? 
r_mcbond_other           0.650  1.500  ? 76  'X-RAY DIFFRACTION' ? 
r_mcangle_it             2.462  2.000  ? 301 'X-RAY DIFFRACTION' ? 
r_scbond_it              3.722  3.000  ? 155 'X-RAY DIFFRACTION' ? 
r_scangle_it             4.619  4.500  ? 116 'X-RAY DIFFRACTION' ? 
r_rigid_bond_restr       1.853  3.000  ? 709 'X-RAY DIFFRACTION' ? 
r_sphericity_free        8.410  3.000  ? 58  'X-RAY DIFFRACTION' ? 
r_sphericity_bonded      3.331  3.000  ? 579 'X-RAY DIFFRACTION' ? 
# 
_refine_ls_shell.pdbx_total_number_of_bins_used   20 
_refine_ls_shell.d_res_high                       1.13 
_refine_ls_shell.d_res_low                        1.15 
_refine_ls_shell.number_reflns_R_work             803 
_refine_ls_shell.R_factor_R_work                  0.151 
_refine_ls_shell.percent_reflns_obs               ? 
_refine_ls_shell.R_factor_R_free                  0.17 
_refine_ls_shell.R_factor_R_free_error            ? 
_refine_ls_shell.percent_reflns_R_free            ? 
_refine_ls_shell.number_reflns_R_free             49 
_refine_ls_shell.redundancy_reflns_obs            ? 
_refine_ls_shell.number_reflns_all                ? 
_refine_ls_shell.number_reflns_obs                ? 
_refine_ls_shell.pdbx_refine_id                   'X-RAY DIFFRACTION' 
_refine_ls_shell.R_factor_all                     ? 
# 
_struct.entry_id                  1T7H 
_struct.title                     'X-ray structure of [Lys(-2)-Arg(-1)-des(17-21)]-endothelin-1 peptide' 
_struct.pdbx_model_details        ? 
_struct.pdbx_CASP_flag            ? 
_struct.pdbx_model_type_details   ? 
# 
_struct_keywords.entry_id        1T7H 
_struct_keywords.pdbx_keywords   'SIGNALING PROTEIN' 
_struct_keywords.text            'endothelin, dimer, salt bridge, cysteine stabilized helical motif, SIGNALING PROTEIN' 
# 
loop_
_struct_asym.id 
_struct_asym.pdbx_blank_PDB_chainid_flag 
_struct_asym.pdbx_modified 
_struct_asym.entity_id 
_struct_asym.details 
A N N 1 ? 
B N N 1 ? 
C N N 2 ? 
D N N 2 ? 
# 
_struct_ref.id                         1 
_struct_ref.db_name                    UNP 
_struct_ref.db_code                    EDN1_HUMAN 
_struct_ref.pdbx_db_accession          P05305 
_struct_ref.entity_id                  1 
_struct_ref.pdbx_seq_one_letter_code   KRCSCSSLMDKECVYFCH 
_struct_ref.pdbx_align_begin           51 
_struct_ref.pdbx_db_isoform            ? 
# 
loop_
_struct_ref_seq.align_id 
_struct_ref_seq.ref_id 
_struct_ref_seq.pdbx_PDB_id_code 
_struct_ref_seq.pdbx_strand_id 
_struct_ref_seq.seq_align_beg 
_struct_ref_seq.pdbx_seq_align_beg_ins_code 
_struct_ref_seq.seq_align_end 
_struct_ref_seq.pdbx_seq_align_end_ins_code 
_struct_ref_seq.pdbx_db_accession 
_struct_ref_seq.db_align_beg 
_struct_ref_seq.pdbx_db_align_beg_ins_code 
_struct_ref_seq.db_align_end 
_struct_ref_seq.pdbx_db_align_end_ins_code 
_struct_ref_seq.pdbx_auth_seq_align_beg 
_struct_ref_seq.pdbx_auth_seq_align_end 
1 1 1T7H A 1 ? 18 ? P05305 51 ? 68 ? 1 18 
2 1 1T7H B 1 ? 18 ? P05305 51 ? 68 ? 1 18 
# 
_pdbx_struct_assembly.id                   1 
_pdbx_struct_assembly.details              author_and_software_defined_assembly 
_pdbx_struct_assembly.method_details       PISA 
_pdbx_struct_assembly.oligomeric_details   dimeric 
_pdbx_struct_assembly.oligomeric_count     2 
# 
loop_
_pdbx_struct_assembly_prop.biol_id 
_pdbx_struct_assembly_prop.type 
_pdbx_struct_assembly_prop.value 
_pdbx_struct_assembly_prop.details 
1 'ABSA (A^2)' 750  ? 
1 MORE         -3   ? 
1 'SSA (A^2)'  2810 ? 
# 
_pdbx_struct_assembly_gen.assembly_id       1 
_pdbx_struct_assembly_gen.oper_expression   1 
_pdbx_struct_assembly_gen.asym_id_list      A,B,C,D 
# 
_pdbx_struct_oper_list.id                   1 
_pdbx_struct_oper_list.type                 'identity operation' 
_pdbx_struct_oper_list.name                 1_555 
_pdbx_struct_oper_list.symmetry_operation   x,y,z 
_pdbx_struct_oper_list.matrix[1][1]         1.0000000000 
_pdbx_struct_oper_list.matrix[1][2]         0.0000000000 
_pdbx_struct_oper_list.matrix[1][3]         0.0000000000 
_pdbx_struct_oper_list.vector[1]            0.0000000000 
_pdbx_struct_oper_list.matrix[2][1]         0.0000000000 
_pdbx_struct_oper_list.matrix[2][2]         1.0000000000 
_pdbx_struct_oper_list.matrix[2][3]         0.0000000000 
_pdbx_struct_oper_list.vector[2]            0.0000000000 
_pdbx_struct_oper_list.matrix[3][1]         0.0000000000 
_pdbx_struct_oper_list.matrix[3][2]         0.0000000000 
_pdbx_struct_oper_list.matrix[3][3]         1.0000000000 
_pdbx_struct_oper_list.vector[3]            0.0000000000 
# 
_struct_biol.id                    1 
_struct_biol.details               'the biological assembly is a dimer' 
_struct_biol.pdbx_parent_biol_id   ? 
# 
loop_
_struct_conf.conf_type_id 
_struct_conf.id 
_struct_conf.pdbx_PDB_helix_id 
_struct_conf.beg_label_comp_id 
_struct_conf.beg_label_asym_id 
_struct_conf.beg_label_seq_id 
_struct_conf.pdbx_beg_PDB_ins_code 
_struct_conf.end_label_comp_id 
_struct_conf.end_label_asym_id 
_struct_conf.end_label_seq_id 
_struct_conf.pdbx_end_PDB_ins_code 
_struct_conf.beg_auth_comp_id 
_struct_conf.beg_auth_asym_id 
_struct_conf.beg_auth_seq_id 
_struct_conf.end_auth_comp_id 
_struct_conf.end_auth_asym_id 
_struct_conf.end_auth_seq_id 
_struct_conf.pdbx_PDB_helix_class 
_struct_conf.details 
_struct_conf.pdbx_PDB_helix_length 
HELX_P HELX_P1 1 ASP A 10 ? HIS A 18 ? ASP A 10 HIS A 18 1 ? 9 
HELX_P HELX_P2 2 ASP B 10 ? HIS B 18 ? ASP B 10 HIS B 18 1 ? 9 
# 
_struct_conf_type.id          HELX_P 
_struct_conf_type.criteria    ? 
_struct_conf_type.reference   ? 
# 
loop_
_struct_conn.id 
_struct_conn.conn_type_id 
_struct_conn.pdbx_leaving_atom_flag 
_struct_conn.pdbx_PDB_id 
_struct_conn.ptnr1_label_asym_id 
_struct_conn.ptnr1_label_comp_id 
_struct_conn.ptnr1_label_seq_id 
_struct_conn.ptnr1_label_atom_id 
_struct_conn.pdbx_ptnr1_label_alt_id 
_struct_conn.pdbx_ptnr1_PDB_ins_code 
_struct_conn.pdbx_ptnr1_standard_comp_id 
_struct_conn.ptnr1_symmetry 
_struct_conn.ptnr2_label_asym_id 
_struct_conn.ptnr2_label_comp_id 
_struct_conn.ptnr2_label_seq_id 
_struct_conn.ptnr2_label_atom_id 
_struct_conn.pdbx_ptnr2_label_alt_id 
_struct_conn.pdbx_ptnr2_PDB_ins_code 
_struct_conn.ptnr1_auth_asym_id 
_struct_conn.ptnr1_auth_comp_id 
_struct_conn.ptnr1_auth_seq_id 
_struct_conn.ptnr2_auth_asym_id 
_struct_conn.ptnr2_auth_comp_id 
_struct_conn.ptnr2_auth_seq_id 
_struct_conn.ptnr2_symmetry 
_struct_conn.pdbx_ptnr3_label_atom_id 
_struct_conn.pdbx_ptnr3_label_seq_id 
_struct_conn.pdbx_ptnr3_label_comp_id 
_struct_conn.pdbx_ptnr3_label_asym_id 
_struct_conn.pdbx_ptnr3_label_alt_id 
_struct_conn.pdbx_ptnr3_PDB_ins_code 
_struct_conn.details 
_struct_conn.pdbx_dist_value 
_struct_conn.pdbx_value_order 
_struct_conn.pdbx_role 
disulf1 disulf ? ? A CYS 3 SG ? ? ? 1_555 A CYS 17 SG ? ? A CYS 3 A CYS 17 1_555 ? ? ? ? ? ? ? 2.041 ? ? 
disulf2 disulf ? ? A CYS 5 SG ? ? ? 1_555 A CYS 13 SG ? ? A CYS 5 A CYS 13 1_555 ? ? ? ? ? ? ? 2.062 ? ? 
disulf3 disulf ? ? B CYS 3 SG ? ? ? 1_555 B CYS 17 SG ? ? B CYS 3 B CYS 17 1_555 ? ? ? ? ? ? ? 2.034 ? ? 
disulf4 disulf ? ? B CYS 5 SG ? ? ? 1_555 B CYS 13 SG ? ? B CYS 5 B CYS 13 1_555 ? ? ? ? ? ? ? 2.046 ? ? 
# 
_struct_conn_type.id          disulf 
_struct_conn_type.criteria    ? 
_struct_conn_type.reference   ? 
# 
loop_
_pdbx_modification_feature.ordinal 
_pdbx_modification_feature.label_comp_id 
_pdbx_modification_feature.label_asym_id 
_pdbx_modification_feature.label_seq_id 
_pdbx_modification_feature.label_alt_id 
_pdbx_modification_feature.modified_residue_label_comp_id 
_pdbx_modification_feature.modified_residue_label_asym_id 
_pdbx_modification_feature.modified_residue_label_seq_id 
_pdbx_modification_feature.modified_residue_label_alt_id 
_pdbx_modification_feature.auth_comp_id 
_pdbx_modification_feature.auth_asym_id 
_pdbx_modification_feature.auth_seq_id 
_pdbx_modification_feature.PDB_ins_code 
_pdbx_modification_feature.symmetry 
_pdbx_modification_feature.modified_residue_auth_comp_id 
_pdbx_modification_feature.modified_residue_auth_asym_id 
_pdbx_modification_feature.modified_residue_auth_seq_id 
_pdbx_modification_feature.modified_residue_PDB_ins_code 
_pdbx_modification_feature.modified_residue_symmetry 
_pdbx_modification_feature.comp_id_linking_atom 
_pdbx_modification_feature.modified_residue_id_linking_atom 
_pdbx_modification_feature.modified_residue_id 
_pdbx_modification_feature.ref_pcm_id 
_pdbx_modification_feature.ref_comp_id 
_pdbx_modification_feature.type 
_pdbx_modification_feature.category 
1 CYS A 3 ? CYS A 17 ? CYS A 3 ? 1_555 CYS A 17 ? 1_555 SG SG . . . None 'Disulfide bridge' 
2 CYS A 5 ? CYS A 13 ? CYS A 5 ? 1_555 CYS A 13 ? 1_555 SG SG . . . None 'Disulfide bridge' 
3 CYS B 3 ? CYS B 17 ? CYS B 3 ? 1_555 CYS B 17 ? 1_555 SG SG . . . None 'Disulfide bridge' 
4 CYS B 5 ? CYS B 13 ? CYS B 5 ? 1_555 CYS B 13 ? 1_555 SG SG . . . None 'Disulfide bridge' 
# 
_struct_sheet.id               A 
_struct_sheet.type             ? 
_struct_sheet.number_strands   2 
_struct_sheet.details          ? 
# 
_struct_sheet_order.sheet_id     A 
_struct_sheet_order.range_id_1   1 
_struct_sheet_order.range_id_2   2 
_struct_sheet_order.offset       ? 
_struct_sheet_order.sense        anti-parallel 
# 
loop_
_struct_sheet_range.sheet_id 
_struct_sheet_range.id 
_struct_sheet_range.beg_label_comp_id 
_struct_sheet_range.beg_label_asym_id 
_struct_sheet_range.beg_label_seq_id 
_struct_sheet_range.pdbx_beg_PDB_ins_code 
_struct_sheet_range.end_label_comp_id 
_struct_sheet_range.end_label_asym_id 
_struct_sheet_range.end_label_seq_id 
_struct_sheet_range.pdbx_end_PDB_ins_code 
_struct_sheet_range.beg_auth_comp_id 
_struct_sheet_range.beg_auth_asym_id 
_struct_sheet_range.beg_auth_seq_id 
_struct_sheet_range.end_auth_comp_id 
_struct_sheet_range.end_auth_asym_id 
_struct_sheet_range.end_auth_seq_id 
A 1 CYS A 3 ? CYS A 5 ? CYS A 3 CYS A 5 
A 2 CYS B 3 ? CYS B 5 ? CYS B 3 CYS B 5 
# 
_pdbx_struct_sheet_hbond.sheet_id                A 
_pdbx_struct_sheet_hbond.range_id_1              1 
_pdbx_struct_sheet_hbond.range_id_2              2 
_pdbx_struct_sheet_hbond.range_1_label_atom_id   N 
_pdbx_struct_sheet_hbond.range_1_label_comp_id   SER 
_pdbx_struct_sheet_hbond.range_1_label_asym_id   A 
_pdbx_struct_sheet_hbond.range_1_label_seq_id    4 
_pdbx_struct_sheet_hbond.range_1_PDB_ins_code    ? 
_pdbx_struct_sheet_hbond.range_1_auth_atom_id    N 
_pdbx_struct_sheet_hbond.range_1_auth_comp_id    SER 
_pdbx_struct_sheet_hbond.range_1_auth_asym_id    A 
_pdbx_struct_sheet_hbond.range_1_auth_seq_id     4 
_pdbx_struct_sheet_hbond.range_2_label_atom_id   O 
_pdbx_struct_sheet_hbond.range_2_label_comp_id   SER 
_pdbx_struct_sheet_hbond.range_2_label_asym_id   B 
_pdbx_struct_sheet_hbond.range_2_label_seq_id    4 
_pdbx_struct_sheet_hbond.range_2_PDB_ins_code    ? 
_pdbx_struct_sheet_hbond.range_2_auth_atom_id    O 
_pdbx_struct_sheet_hbond.range_2_auth_comp_id    SER 
_pdbx_struct_sheet_hbond.range_2_auth_asym_id    B 
_pdbx_struct_sheet_hbond.range_2_auth_seq_id     4 
# 
_pdbx_entry_details.entry_id                   1T7H 
_pdbx_entry_details.compound_details           ? 
_pdbx_entry_details.source_details             ? 
_pdbx_entry_details.nonpolymer_details         ? 
_pdbx_entry_details.sequence_details           ? 
_pdbx_entry_details.has_ligand_of_interest     ? 
_pdbx_entry_details.has_protein_modification   Y 
# 
loop_
_pdbx_struct_special_symmetry.id 
_pdbx_struct_special_symmetry.PDB_model_num 
_pdbx_struct_special_symmetry.auth_asym_id 
_pdbx_struct_special_symmetry.auth_comp_id 
_pdbx_struct_special_symmetry.auth_seq_id 
_pdbx_struct_special_symmetry.PDB_ins_code 
_pdbx_struct_special_symmetry.label_asym_id 
_pdbx_struct_special_symmetry.label_comp_id 
_pdbx_struct_special_symmetry.label_seq_id 
1 1 A HOH 36 ? C HOH . 
2 1 B HOH 31 ? D HOH . 
# 
loop_
_chem_comp_atom.comp_id 
_chem_comp_atom.atom_id 
_chem_comp_atom.type_symbol 
_chem_comp_atom.pdbx_aromatic_flag 
_chem_comp_atom.pdbx_stereo_config 
_chem_comp_atom.pdbx_ordinal 
ARG N    N N N 1   
ARG CA   C N S 2   
ARG C    C N N 3   
ARG O    O N N 4   
ARG CB   C N N 5   
ARG CG   C N N 6   
ARG CD   C N N 7   
ARG NE   N N N 8   
ARG CZ   C N N 9   
ARG NH1  N N N 10  
ARG NH2  N N N 11  
ARG OXT  O N N 12  
ARG H    H N N 13  
ARG H2   H N N 14  
ARG HA   H N N 15  
ARG HB2  H N N 16  
ARG HB3  H N N 17  
ARG HG2  H N N 18  
ARG HG3  H N N 19  
ARG HD2  H N N 20  
ARG HD3  H N N 21  
ARG HE   H N N 22  
ARG HH11 H N N 23  
ARG HH12 H N N 24  
ARG HH21 H N N 25  
ARG HH22 H N N 26  
ARG HXT  H N N 27  
ASP N    N N N 28  
ASP CA   C N S 29  
ASP C    C N N 30  
ASP O    O N N 31  
ASP CB   C N N 32  
ASP CG   C N N 33  
ASP OD1  O N N 34  
ASP OD2  O N N 35  
ASP OXT  O N N 36  
ASP H    H N N 37  
ASP H2   H N N 38  
ASP HA   H N N 39  
ASP HB2  H N N 40  
ASP HB3  H N N 41  
ASP HD2  H N N 42  
ASP HXT  H N N 43  
CYS N    N N N 44  
CYS CA   C N R 45  
CYS C    C N N 46  
CYS O    O N N 47  
CYS CB   C N N 48  
CYS SG   S N N 49  
CYS OXT  O N N 50  
CYS H    H N N 51  
CYS H2   H N N 52  
CYS HA   H N N 53  
CYS HB2  H N N 54  
CYS HB3  H N N 55  
CYS HG   H N N 56  
CYS HXT  H N N 57  
GLU N    N N N 58  
GLU CA   C N S 59  
GLU C    C N N 60  
GLU O    O N N 61  
GLU CB   C N N 62  
GLU CG   C N N 63  
GLU CD   C N N 64  
GLU OE1  O N N 65  
GLU OE2  O N N 66  
GLU OXT  O N N 67  
GLU H    H N N 68  
GLU H2   H N N 69  
GLU HA   H N N 70  
GLU HB2  H N N 71  
GLU HB3  H N N 72  
GLU HG2  H N N 73  
GLU HG3  H N N 74  
GLU HE2  H N N 75  
GLU HXT  H N N 76  
HIS N    N N N 77  
HIS CA   C N S 78  
HIS C    C N N 79  
HIS O    O N N 80  
HIS CB   C N N 81  
HIS CG   C Y N 82  
HIS ND1  N Y N 83  
HIS CD2  C Y N 84  
HIS CE1  C Y N 85  
HIS NE2  N Y N 86  
HIS OXT  O N N 87  
HIS H    H N N 88  
HIS H2   H N N 89  
HIS HA   H N N 90  
HIS HB2  H N N 91  
HIS HB3  H N N 92  
HIS HD1  H N N 93  
HIS HD2  H N N 94  
HIS HE1  H N N 95  
HIS HE2  H N N 96  
HIS HXT  H N N 97  
HOH O    O N N 98  
HOH H1   H N N 99  
HOH H2   H N N 100 
LEU N    N N N 101 
LEU CA   C N S 102 
LEU C    C N N 103 
LEU O    O N N 104 
LEU CB   C N N 105 
LEU CG   C N N 106 
LEU CD1  C N N 107 
LEU CD2  C N N 108 
LEU OXT  O N N 109 
LEU H    H N N 110 
LEU H2   H N N 111 
LEU HA   H N N 112 
LEU HB2  H N N 113 
LEU HB3  H N N 114 
LEU HG   H N N 115 
LEU HD11 H N N 116 
LEU HD12 H N N 117 
LEU HD13 H N N 118 
LEU HD21 H N N 119 
LEU HD22 H N N 120 
LEU HD23 H N N 121 
LEU HXT  H N N 122 
LYS N    N N N 123 
LYS CA   C N S 124 
LYS C    C N N 125 
LYS O    O N N 126 
LYS CB   C N N 127 
LYS CG   C N N 128 
LYS CD   C N N 129 
LYS CE   C N N 130 
LYS NZ   N N N 131 
LYS OXT  O N N 132 
LYS H    H N N 133 
LYS H2   H N N 134 
LYS HA   H N N 135 
LYS HB2  H N N 136 
LYS HB3  H N N 137 
LYS HG2  H N N 138 
LYS HG3  H N N 139 
LYS HD2  H N N 140 
LYS HD3  H N N 141 
LYS HE2  H N N 142 
LYS HE3  H N N 143 
LYS HZ1  H N N 144 
LYS HZ2  H N N 145 
LYS HZ3  H N N 146 
LYS HXT  H N N 147 
MET N    N N N 148 
MET CA   C N S 149 
MET C    C N N 150 
MET O    O N N 151 
MET CB   C N N 152 
MET CG   C N N 153 
MET SD   S N N 154 
MET CE   C N N 155 
MET OXT  O N N 156 
MET H    H N N 157 
MET H2   H N N 158 
MET HA   H N N 159 
MET HB2  H N N 160 
MET HB3  H N N 161 
MET HG2  H N N 162 
MET HG3  H N N 163 
MET HE1  H N N 164 
MET HE2  H N N 165 
MET HE3  H N N 166 
MET HXT  H N N 167 
PHE N    N N N 168 
PHE CA   C N S 169 
PHE C    C N N 170 
PHE O    O N N 171 
PHE CB   C N N 172 
PHE CG   C Y N 173 
PHE CD1  C Y N 174 
PHE CD2  C Y N 175 
PHE CE1  C Y N 176 
PHE CE2  C Y N 177 
PHE CZ   C Y N 178 
PHE OXT  O N N 179 
PHE H    H N N 180 
PHE H2   H N N 181 
PHE HA   H N N 182 
PHE HB2  H N N 183 
PHE HB3  H N N 184 
PHE HD1  H N N 185 
PHE HD2  H N N 186 
PHE HE1  H N N 187 
PHE HE2  H N N 188 
PHE HZ   H N N 189 
PHE HXT  H N N 190 
SER N    N N N 191 
SER CA   C N S 192 
SER C    C N N 193 
SER O    O N N 194 
SER CB   C N N 195 
SER OG   O N N 196 
SER OXT  O N N 197 
SER H    H N N 198 
SER H2   H N N 199 
SER HA   H N N 200 
SER HB2  H N N 201 
SER HB3  H N N 202 
SER HG   H N N 203 
SER HXT  H N N 204 
TYR N    N N N 205 
TYR CA   C N S 206 
TYR C    C N N 207 
TYR O    O N N 208 
TYR CB   C N N 209 
TYR CG   C Y N 210 
TYR CD1  C Y N 211 
TYR CD2  C Y N 212 
TYR CE1  C Y N 213 
TYR CE2  C Y N 214 
TYR CZ   C Y N 215 
TYR OH   O N N 216 
TYR OXT  O N N 217 
TYR H    H N N 218 
TYR H2   H N N 219 
TYR HA   H N N 220 
TYR HB2  H N N 221 
TYR HB3  H N N 222 
TYR HD1  H N N 223 
TYR HD2  H N N 224 
TYR HE1  H N N 225 
TYR HE2  H N N 226 
TYR HH   H N N 227 
TYR HXT  H N N 228 
VAL N    N N N 229 
VAL CA   C N S 230 
VAL C    C N N 231 
VAL O    O N N 232 
VAL CB   C N N 233 
VAL CG1  C N N 234 
VAL CG2  C N N 235 
VAL OXT  O N N 236 
VAL H    H N N 237 
VAL H2   H N N 238 
VAL HA   H N N 239 
VAL HB   H N N 240 
VAL HG11 H N N 241 
VAL HG12 H N N 242 
VAL HG13 H N N 243 
VAL HG21 H N N 244 
VAL HG22 H N N 245 
VAL HG23 H N N 246 
VAL HXT  H N N 247 
# 
loop_
_chem_comp_bond.comp_id 
_chem_comp_bond.atom_id_1 
_chem_comp_bond.atom_id_2 
_chem_comp_bond.value_order 
_chem_comp_bond.pdbx_aromatic_flag 
_chem_comp_bond.pdbx_stereo_config 
_chem_comp_bond.pdbx_ordinal 
ARG N   CA   sing N N 1   
ARG N   H    sing N N 2   
ARG N   H2   sing N N 3   
ARG CA  C    sing N N 4   
ARG CA  CB   sing N N 5   
ARG CA  HA   sing N N 6   
ARG C   O    doub N N 7   
ARG C   OXT  sing N N 8   
ARG CB  CG   sing N N 9   
ARG CB  HB2  sing N N 10  
ARG CB  HB3  sing N N 11  
ARG CG  CD   sing N N 12  
ARG CG  HG2  sing N N 13  
ARG CG  HG3  sing N N 14  
ARG CD  NE   sing N N 15  
ARG CD  HD2  sing N N 16  
ARG CD  HD3  sing N N 17  
ARG NE  CZ   sing N N 18  
ARG NE  HE   sing N N 19  
ARG CZ  NH1  sing N N 20  
ARG CZ  NH2  doub N N 21  
ARG NH1 HH11 sing N N 22  
ARG NH1 HH12 sing N N 23  
ARG NH2 HH21 sing N N 24  
ARG NH2 HH22 sing N N 25  
ARG OXT HXT  sing N N 26  
ASP N   CA   sing N N 27  
ASP N   H    sing N N 28  
ASP N   H2   sing N N 29  
ASP CA  C    sing N N 30  
ASP CA  CB   sing N N 31  
ASP CA  HA   sing N N 32  
ASP C   O    doub N N 33  
ASP C   OXT  sing N N 34  
ASP CB  CG   sing N N 35  
ASP CB  HB2  sing N N 36  
ASP CB  HB3  sing N N 37  
ASP CG  OD1  doub N N 38  
ASP CG  OD2  sing N N 39  
ASP OD2 HD2  sing N N 40  
ASP OXT HXT  sing N N 41  
CYS N   CA   sing N N 42  
CYS N   H    sing N N 43  
CYS N   H2   sing N N 44  
CYS CA  C    sing N N 45  
CYS CA  CB   sing N N 46  
CYS CA  HA   sing N N 47  
CYS C   O    doub N N 48  
CYS C   OXT  sing N N 49  
CYS CB  SG   sing N N 50  
CYS CB  HB2  sing N N 51  
CYS CB  HB3  sing N N 52  
CYS SG  HG   sing N N 53  
CYS OXT HXT  sing N N 54  
GLU N   CA   sing N N 55  
GLU N   H    sing N N 56  
GLU N   H2   sing N N 57  
GLU CA  C    sing N N 58  
GLU CA  CB   sing N N 59  
GLU CA  HA   sing N N 60  
GLU C   O    doub N N 61  
GLU C   OXT  sing N N 62  
GLU CB  CG   sing N N 63  
GLU CB  HB2  sing N N 64  
GLU CB  HB3  sing N N 65  
GLU CG  CD   sing N N 66  
GLU CG  HG2  sing N N 67  
GLU CG  HG3  sing N N 68  
GLU CD  OE1  doub N N 69  
GLU CD  OE2  sing N N 70  
GLU OE2 HE2  sing N N 71  
GLU OXT HXT  sing N N 72  
HIS N   CA   sing N N 73  
HIS N   H    sing N N 74  
HIS N   H2   sing N N 75  
HIS CA  C    sing N N 76  
HIS CA  CB   sing N N 77  
HIS CA  HA   sing N N 78  
HIS C   O    doub N N 79  
HIS C   OXT  sing N N 80  
HIS CB  CG   sing N N 81  
HIS CB  HB2  sing N N 82  
HIS CB  HB3  sing N N 83  
HIS CG  ND1  sing Y N 84  
HIS CG  CD2  doub Y N 85  
HIS ND1 CE1  doub Y N 86  
HIS ND1 HD1  sing N N 87  
HIS CD2 NE2  sing Y N 88  
HIS CD2 HD2  sing N N 89  
HIS CE1 NE2  sing Y N 90  
HIS CE1 HE1  sing N N 91  
HIS NE2 HE2  sing N N 92  
HIS OXT HXT  sing N N 93  
HOH O   H1   sing N N 94  
HOH O   H2   sing N N 95  
LEU N   CA   sing N N 96  
LEU N   H    sing N N 97  
LEU N   H2   sing N N 98  
LEU CA  C    sing N N 99  
LEU CA  CB   sing N N 100 
LEU CA  HA   sing N N 101 
LEU C   O    doub N N 102 
LEU C   OXT  sing N N 103 
LEU CB  CG   sing N N 104 
LEU CB  HB2  sing N N 105 
LEU CB  HB3  sing N N 106 
LEU CG  CD1  sing N N 107 
LEU CG  CD2  sing N N 108 
LEU CG  HG   sing N N 109 
LEU CD1 HD11 sing N N 110 
LEU CD1 HD12 sing N N 111 
LEU CD1 HD13 sing N N 112 
LEU CD2 HD21 sing N N 113 
LEU CD2 HD22 sing N N 114 
LEU CD2 HD23 sing N N 115 
LEU OXT HXT  sing N N 116 
LYS N   CA   sing N N 117 
LYS N   H    sing N N 118 
LYS N   H2   sing N N 119 
LYS CA  C    sing N N 120 
LYS CA  CB   sing N N 121 
LYS CA  HA   sing N N 122 
LYS C   O    doub N N 123 
LYS C   OXT  sing N N 124 
LYS CB  CG   sing N N 125 
LYS CB  HB2  sing N N 126 
LYS CB  HB3  sing N N 127 
LYS CG  CD   sing N N 128 
LYS CG  HG2  sing N N 129 
LYS CG  HG3  sing N N 130 
LYS CD  CE   sing N N 131 
LYS CD  HD2  sing N N 132 
LYS CD  HD3  sing N N 133 
LYS CE  NZ   sing N N 134 
LYS CE  HE2  sing N N 135 
LYS CE  HE3  sing N N 136 
LYS NZ  HZ1  sing N N 137 
LYS NZ  HZ2  sing N N 138 
LYS NZ  HZ3  sing N N 139 
LYS OXT HXT  sing N N 140 
MET N   CA   sing N N 141 
MET N   H    sing N N 142 
MET N   H2   sing N N 143 
MET CA  C    sing N N 144 
MET CA  CB   sing N N 145 
MET CA  HA   sing N N 146 
MET C   O    doub N N 147 
MET C   OXT  sing N N 148 
MET CB  CG   sing N N 149 
MET CB  HB2  sing N N 150 
MET CB  HB3  sing N N 151 
MET CG  SD   sing N N 152 
MET CG  HG2  sing N N 153 
MET CG  HG3  sing N N 154 
MET SD  CE   sing N N 155 
MET CE  HE1  sing N N 156 
MET CE  HE2  sing N N 157 
MET CE  HE3  sing N N 158 
MET OXT HXT  sing N N 159 
PHE N   CA   sing N N 160 
PHE N   H    sing N N 161 
PHE N   H2   sing N N 162 
PHE CA  C    sing N N 163 
PHE CA  CB   sing N N 164 
PHE CA  HA   sing N N 165 
PHE C   O    doub N N 166 
PHE C   OXT  sing N N 167 
PHE CB  CG   sing N N 168 
PHE CB  HB2  sing N N 169 
PHE CB  HB3  sing N N 170 
PHE CG  CD1  doub Y N 171 
PHE CG  CD2  sing Y N 172 
PHE CD1 CE1  sing Y N 173 
PHE CD1 HD1  sing N N 174 
PHE CD2 CE2  doub Y N 175 
PHE CD2 HD2  sing N N 176 
PHE CE1 CZ   doub Y N 177 
PHE CE1 HE1  sing N N 178 
PHE CE2 CZ   sing Y N 179 
PHE CE2 HE2  sing N N 180 
PHE CZ  HZ   sing N N 181 
PHE OXT HXT  sing N N 182 
SER N   CA   sing N N 183 
SER N   H    sing N N 184 
SER N   H2   sing N N 185 
SER CA  C    sing N N 186 
SER CA  CB   sing N N 187 
SER CA  HA   sing N N 188 
SER C   O    doub N N 189 
SER C   OXT  sing N N 190 
SER CB  OG   sing N N 191 
SER CB  HB2  sing N N 192 
SER CB  HB3  sing N N 193 
SER OG  HG   sing N N 194 
SER OXT HXT  sing N N 195 
TYR N   CA   sing N N 196 
TYR N   H    sing N N 197 
TYR N   H2   sing N N 198 
TYR CA  C    sing N N 199 
TYR CA  CB   sing N N 200 
TYR CA  HA   sing N N 201 
TYR C   O    doub N N 202 
TYR C   OXT  sing N N 203 
TYR CB  CG   sing N N 204 
TYR CB  HB2  sing N N 205 
TYR CB  HB3  sing N N 206 
TYR CG  CD1  doub Y N 207 
TYR CG  CD2  sing Y N 208 
TYR CD1 CE1  sing Y N 209 
TYR CD1 HD1  sing N N 210 
TYR CD2 CE2  doub Y N 211 
TYR CD2 HD2  sing N N 212 
TYR CE1 CZ   doub Y N 213 
TYR CE1 HE1  sing N N 214 
TYR CE2 CZ   sing Y N 215 
TYR CE2 HE2  sing N N 216 
TYR CZ  OH   sing N N 217 
TYR OH  HH   sing N N 218 
TYR OXT HXT  sing N N 219 
VAL N   CA   sing N N 220 
VAL N   H    sing N N 221 
VAL N   H2   sing N N 222 
VAL CA  C    sing N N 223 
VAL CA  CB   sing N N 224 
VAL CA  HA   sing N N 225 
VAL C   O    doub N N 226 
VAL C   OXT  sing N N 227 
VAL CB  CG1  sing N N 228 
VAL CB  CG2  sing N N 229 
VAL CB  HB   sing N N 230 
VAL CG1 HG11 sing N N 231 
VAL CG1 HG12 sing N N 232 
VAL CG1 HG13 sing N N 233 
VAL CG2 HG21 sing N N 234 
VAL CG2 HG22 sing N N 235 
VAL CG2 HG23 sing N N 236 
VAL OXT HXT  sing N N 237 
# 
_atom_sites.entry_id                    1T7H 
_atom_sites.fract_transf_matrix[1][1]   -0.01839201 
_atom_sites.fract_transf_matrix[1][2]   -0.02760693 
_atom_sites.fract_transf_matrix[1][3]   0.00083831 
_atom_sites.fract_transf_matrix[2][1]   0.01090792 
_atom_sites.fract_transf_matrix[2][2]   -0.00765849 
_atom_sites.fract_transf_matrix[2][3]   -0.01289360 
_atom_sites.fract_transf_matrix[3][1]   0.03022141 
_atom_sites.fract_transf_matrix[3][2]   -0.01901448 
_atom_sites.fract_transf_matrix[3][3]   0.03686131 
_atom_sites.fract_transf_vector[1]      0.668685 
_atom_sites.fract_transf_vector[2]      0.120577 
_atom_sites.fract_transf_vector[3]      0.985490 
# 
loop_
_atom_type.symbol 
C 
N 
O 
S 
# 
loop_
_atom_site.group_PDB 
_atom_site.id 
_atom_site.type_symbol 
_atom_site.label_atom_id 
_atom_site.label_alt_id 
_atom_site.label_comp_id 
_atom_site.label_asym_id 
_atom_site.label_entity_id 
_atom_site.label_seq_id 
_atom_site.pdbx_PDB_ins_code 
_atom_site.Cartn_x 
_atom_site.Cartn_y 
_atom_site.Cartn_z 
_atom_site.occupancy 
_atom_site.B_iso_or_equiv 
_atom_site.pdbx_formal_charge 
_atom_site.auth_seq_id 
_atom_site.auth_comp_id 
_atom_site.auth_asym_id 
_atom_site.auth_atom_id 
_atom_site.pdbx_PDB_model_num 
ATOM   1   N N   . LYS A 1 1  ? 0.850   -5.939  -8.329  1.00 9.96  ? 1  LYS A N   1 
ATOM   2   C CA  . LYS A 1 1  ? 1.440   -4.918  -7.458  1.00 9.18  ? 1  LYS A CA  1 
ATOM   3   C C   . LYS A 1 1  ? 1.205   -5.295  -6.008  1.00 6.93  ? 1  LYS A C   1 
ATOM   4   O O   . LYS A 1 1  ? 0.372   -6.123  -5.708  1.00 7.66  ? 1  LYS A O   1 
ATOM   5   C CB  . LYS A 1 1  ? 0.934   -3.570  -7.843  1.00 11.10 ? 1  LYS A CB  1 
ATOM   6   C CG  . LYS A 1 1  ? -0.478  -3.338  -7.626  1.00 10.95 ? 1  LYS A CG  1 
ATOM   7   C CD  . LYS A 1 1  ? -0.822  -1.891  -8.051  1.00 12.21 ? 1  LYS A CD  1 
ATOM   8   C CE  . LYS A 1 1  ? -2.264  -1.570  -7.903  1.00 14.28 ? 1  LYS A CE  1 
ATOM   9   N NZ  . LYS A 1 1  ? -3.098  -2.274  -8.885  1.00 18.29 ? 1  LYS A NZ  1 
ATOM   10  N N   . ARG A 1 2  ? 1.984   -4.711  -5.118  1.00 6.07  ? 2  ARG A N   1 
ATOM   11  C CA  . ARG A 1 2  ? 1.908   -5.013  -3.698  1.00 6.14  ? 2  ARG A CA  1 
ATOM   12  C C   . ARG A 1 2  ? 0.638   -4.465  -3.064  1.00 5.69  ? 2  ARG A C   1 
ATOM   13  O O   . ARG A 1 2  ? 0.111   -5.056  -2.115  1.00 5.85  ? 2  ARG A O   1 
ATOM   14  C CB  . ARG A 1 2  ? 3.145   -4.474  -3.005  1.00 6.45  ? 2  ARG A CB  1 
ATOM   15  C CG  . ARG A 1 2  ? 3.274   -4.884  -1.556  1.00 6.42  ? 2  ARG A CG  1 
ATOM   16  C CD  . ARG A 1 2  ? 4.624   -4.537  -0.996  1.00 7.33  ? 2  ARG A CD  1 
ATOM   17  N NE  . ARG A 1 2  ? 4.829   -5.230  0.276   1.00 7.53  ? 2  ARG A NE  1 
ATOM   18  C CZ  . ARG A 1 2  ? 5.981   -5.199  0.937   1.00 8.14  ? 2  ARG A CZ  1 
ATOM   19  N NH1 . ARG A 1 2  ? 7.006   -4.490  0.507   1.00 9.49  ? 2  ARG A NH1 1 
ATOM   20  N NH2 . ARG A 1 2  ? 6.087   -5.878  2.066   1.00 10.01 ? 2  ARG A NH2 1 
ATOM   21  N N   . CYS A 1 3  ? 0.179   -3.315  -3.518  1.00 5.63  ? 3  CYS A N   1 
ATOM   22  C CA  . CYS A 1 3  ? -0.975  -2.660  -2.904  1.00 5.24  ? 3  CYS A CA  1 
ATOM   23  C C   . CYS A 1 3  ? -1.524  -1.603  -3.852  1.00 5.21  ? 3  CYS A C   1 
ATOM   24  O O   . CYS A 1 3  ? -0.906  -1.265  -4.863  1.00 5.67  ? 3  CYS A O   1 
ATOM   25  C CB  . CYS A 1 3  ? -0.674  -2.090  -1.485  1.00 5.15  ? 3  CYS A CB  1 
ATOM   26  S SG  . CYS A 1 3  ? 0.950   -1.358  -1.176  1.00 5.22  ? 3  CYS A SG  1 
ATOM   27  N N   . SER A 1 4  ? -2.729  -1.133  -3.512  1.00 5.46  ? 4  SER A N   1 
ATOM   28  C CA  . SER A 1 4  ? -3.434  -0.112  -4.276  1.00 5.36  ? 4  SER A CA  1 
ATOM   29  C C   . SER A 1 4  ? -3.544  1.154   -3.417  1.00 5.15  ? 4  SER A C   1 
ATOM   30  O O   . SER A 1 4  ? -4.098  1.112   -2.318  1.00 5.19  ? 4  SER A O   1 
ATOM   31  C CB  . SER A 1 4  ? -4.833  -0.627  -4.595  1.00 6.39  ? 4  SER A CB  1 
ATOM   32  O OG  . SER A 1 4  ? -4.789  -1.750  -5.489  1.00 9.76  ? 4  SER A OG  1 
ATOM   33  N N   . CYS A 1 5  ? -3.017  2.256   -3.934  1.00 4.96  ? 5  CYS A N   1 
ATOM   34  C CA  . CYS A 1 5  ? -2.955  3.497   -3.187  1.00 5.14  ? 5  CYS A CA  1 
ATOM   35  C C   . CYS A 1 5  ? -4.259  4.278   -3.199  1.00 5.07  ? 5  CYS A C   1 
ATOM   36  O O   . CYS A 1 5  ? -4.876  4.488   -4.236  1.00 5.93  ? 5  CYS A O   1 
ATOM   37  C CB  . CYS A 1 5  ? -1.843  4.393   -3.744  1.00 5.50  ? 5  CYS A CB  1 
ATOM   38  S SG  . CYS A 1 5  ? -0.205  3.707   -3.450  1.00 6.52  ? 5  CYS A SG  1 
ATOM   39  N N   . SER A 1 6  ? -4.637  4.768   -2.010  1.00 5.15  ? 6  SER A N   1 
ATOM   40  C CA  . SER A 1 6  ? -5.806  5.633   -1.874  1.00 5.81  ? 6  SER A CA  1 
ATOM   41  C C   . SER A 1 6  ? -5.690  6.931   -2.660  1.00 5.93  ? 6  SER A C   1 
ATOM   42  O O   . SER A 1 6  ? -6.711  7.417   -3.156  1.00 7.45  ? 6  SER A O   1 
ATOM   43  C CB  . SER A 1 6  ? -6.069  5.882   -0.385  1.00 6.22  ? 6  SER A CB  1 
ATOM   44  O OG  . SER A 1 6  ? -6.400  4.676   0.269   1.00 7.95  ? 6  SER A OG  1 
ATOM   45  N N   . SER A 1 7  ? -4.477  7.469   -2.766  1.00 5.66  ? 7  SER A N   1 
ATOM   46  C CA  . SER A 1 7  ? -4.195  8.634   -3.613  1.00 7.64  ? 7  SER A CA  1 
ATOM   47  C C   . SER A 1 7  ? -2.950  8.368   -4.425  1.00 7.20  ? 7  SER A C   1 
ATOM   48  O O   . SER A 1 7  ? -1.885  8.110   -3.880  1.00 7.03  ? 7  SER A O   1 
ATOM   49  C CB  A SER A 1 7  ? -4.070  9.945   -2.866  0.50 7.71  ? 7  SER A CB  1 
ATOM   50  C CB  B SER A 1 7  ? -3.902  9.884   -2.741  0.50 8.81  ? 7  SER A CB  1 
ATOM   51  O OG  A SER A 1 7  ? -3.653  10.922  -3.808  0.50 8.82  ? 7  SER A OG  1 
ATOM   52  O OG  B SER A 1 7  ? -4.944  10.254  -1.861  0.50 12.49 ? 7  SER A OG  1 
ATOM   53  N N   . LEU A 1 8  ? -3.051  8.539   -5.744  1.00 8.40  ? 8  LEU A N   1 
ATOM   54  C CA  . LEU A 1 8  ? -1.872  8.410   -6.592  1.00 9.98  ? 8  LEU A CA  1 
ATOM   55  C C   . LEU A 1 8  ? -0.956  9.608   -6.501  1.00 9.68  ? 8  LEU A C   1 
ATOM   56  O O   . LEU A 1 8  ? 0.173   9.552   -6.969  1.00 11.39 ? 8  LEU A O   1 
ATOM   57  C CB  . LEU A 1 8  ? -2.224  8.058   -8.041  1.00 12.45 ? 8  LEU A CB  1 
ATOM   58  C CG  . LEU A 1 8  ? -2.750  6.610   -8.190  1.00 14.95 ? 8  LEU A CG  1 
ATOM   59  C CD1 . LEU A 1 8  ? -3.506  6.382   -9.475  1.00 17.72 ? 8  LEU A CD1 1 
ATOM   60  C CD2 . LEU A 1 8  ? -1.607  5.596   -8.030  1.00 16.39 ? 8  LEU A CD2 1 
ATOM   61  N N   . MET A 1 9  ? -1.408  10.673  -5.859  1.00 8.76  ? 9  MET A N   1 
ATOM   62  C CA  . MET A 1 9  ? -0.545  11.810  -5.520  1.00 10.78 ? 9  MET A CA  1 
ATOM   63  C C   . MET A 1 9  ? 0.416   11.488  -4.365  1.00 7.77  ? 9  MET A C   1 
ATOM   64  O O   . MET A 1 9  ? 1.343   12.259  -4.131  1.00 9.00  ? 9  MET A O   1 
ATOM   65  C CB  A MET A 1 9  ? -1.356  13.065  -5.202  0.50 11.00 ? 9  MET A CB  1 
ATOM   66  C CB  B MET A 1 9  ? -1.425  12.990  -4.994  0.50 12.06 ? 9  MET A CB  1 
ATOM   67  C CG  A MET A 1 9  ? -2.406  13.483  -6.225  0.50 13.44 ? 9  MET A CG  1 
ATOM   68  C CG  B MET A 1 9  ? -1.944  14.129  -5.942  0.50 16.10 ? 9  MET A CG  1 
ATOM   69  S SD  A MET A 1 9  ? -3.331  15.007  -5.744  0.50 16.32 ? 9  MET A SD  1 
ATOM   70  S SD  B MET A 1 9  ? -2.494  15.705  -5.067  0.50 21.55 ? 9  MET A SD  1 
ATOM   71  C CE  A MET A 1 9  ? -4.617  14.376  -4.756  0.50 15.26 ? 9  MET A CE  1 
ATOM   72  C CE  B MET A 1 9  ? -1.382  15.687  -3.592  0.50 17.31 ? 9  MET A CE  1 
ATOM   73  N N   . ASP A 1 10 ? 0.123   10.426  -3.620  1.00 6.77  ? 10 ASP A N   1 
ATOM   74  C CA  . ASP A 1 10 ? 0.932   10.039  -2.465  1.00 5.93  ? 10 ASP A CA  1 
ATOM   75  C C   . ASP A 1 10 ? 2.088   9.227   -3.000  1.00 5.75  ? 10 ASP A C   1 
ATOM   76  O O   . ASP A 1 10 ? 1.987   8.027   -3.167  1.00 5.84  ? 10 ASP A O   1 
ATOM   77  C CB  . ASP A 1 10 ? 0.040   9.259   -1.507  1.00 5.68  ? 10 ASP A CB  1 
ATOM   78  C CG  . ASP A 1 10 ? 0.744   8.663   -0.318  1.00 5.18  ? 10 ASP A CG  1 
ATOM   79  O OD1 . ASP A 1 10 ? 1.975   8.865   -0.156  1.00 5.96  ? 10 ASP A OD1 1 
ATOM   80  O OD2 . ASP A 1 10 ? 0.039   7.987   0.482   1.00 6.15  ? 10 ASP A OD2 1 
ATOM   81  N N   . LYS A 1 11 ? 3.188   9.906   -3.320  1.00 6.95  ? 11 LYS A N   1 
ATOM   82  C CA  . LYS A 1 11 ? 4.246   9.238   -4.081  1.00 8.21  ? 11 LYS A CA  1 
ATOM   83  C C   . LYS A 1 11 ? 4.922   8.131   -3.303  1.00 7.52  ? 11 LYS A C   1 
ATOM   84  O O   . LYS A 1 11 ? 5.233   7.089   -3.891  1.00 8.55  ? 11 LYS A O   1 
ATOM   85  C CB  . LYS A 1 11 ? 5.228   10.221  -4.677  1.00 10.90 ? 11 LYS A CB  1 
ATOM   86  C CG  . LYS A 1 11 ? 4.631   11.088  -5.802  1.00 13.87 ? 11 LYS A CG  1 
ATOM   87  C CD  . LYS A 1 11 ? 3.741   10.297  -6.793  1.00 18.11 ? 11 LYS A CD  1 
ATOM   88  C CE  . LYS A 1 11 ? 3.224   11.165  -7.902  1.00 20.36 ? 11 LYS A CE  1 
ATOM   89  N NZ  . LYS A 1 11 ? 2.270   10.397  -8.733  1.00 21.45 ? 11 LYS A NZ  1 
ATOM   90  N N   . GLU A 1 12 ? 5.116   8.299   -2.002  1.00 7.81  ? 12 GLU A N   1 
ATOM   91  C CA  . GLU A 1 12 ? 5.703   7.209   -1.266  1.00 8.51  ? 12 GLU A CA  1 
ATOM   92  C C   . GLU A 1 12 ? 4.800   5.978   -1.303  1.00 6.99  ? 12 GLU A C   1 
ATOM   93  O O   . GLU A 1 12 ? 5.317   4.853   -1.334  1.00 7.52  ? 12 GLU A O   1 
ATOM   94  C CB  A GLU A 1 12 ? 6.205   7.593   0.099   0.50 9.35  ? 12 GLU A CB  1 
ATOM   95  C CB  B GLU A 1 12 ? 5.880   7.585   0.238   0.50 10.54 ? 12 GLU A CB  1 
ATOM   96  C CG  A GLU A 1 12 ? 6.808   6.418   0.862   0.50 10.03 ? 12 GLU A CG  1 
ATOM   97  C CG  B GLU A 1 12 ? 7.008   8.538   0.631   0.50 14.21 ? 12 GLU A CG  1 
ATOM   98  C CD  A GLU A 1 12 ? 7.862   5.603   0.102   0.50 12.78 ? 12 GLU A CD  1 
ATOM   99  C CD  B GLU A 1 12 ? 8.354   7.855   0.849   0.50 20.60 ? 12 GLU A CD  1 
ATOM   100 O OE1 A GLU A 1 12 ? 7.858   4.351   0.265   0.50 13.83 ? 12 GLU A OE1 1 
ATOM   101 O OE1 B GLU A 1 12 ? 8.681   6.893   0.109   0.50 24.22 ? 12 GLU A OE1 1 
ATOM   102 O OE2 A GLU A 1 12 ? 8.695   6.184   -0.652  0.50 11.63 ? 12 GLU A OE2 1 
ATOM   103 O OE2 B GLU A 1 12 ? 9.106   8.306   1.747   0.50 24.21 ? 12 GLU A OE2 1 
ATOM   104 N N   . CYS A 1 13 ? 3.484   6.157   -1.273  1.00 5.75  ? 13 CYS A N   1 
ATOM   105 C CA  . CYS A 1 13 ? 2.601   5.014   -1.466  1.00 5.59  ? 13 CYS A CA  1 
ATOM   106 C C   . CYS A 1 13 ? 2.834   4.366   -2.831  1.00 5.63  ? 13 CYS A C   1 
ATOM   107 O O   . CYS A 1 13 ? 2.906   3.147   -2.943  1.00 5.69  ? 13 CYS A O   1 
ATOM   108 C CB  . CYS A 1 13 ? 1.156   5.426   -1.311  1.00 4.89  ? 13 CYS A CB  1 
ATOM   109 S SG  . CYS A 1 13 ? 0.030   3.991   -1.422  1.00 6.33  ? 13 CYS A SG  1 
ATOM   110 N N   . VAL A 1 14 ? 2.939   5.173   -3.881  1.00 5.78  ? 14 VAL A N   1 
ATOM   111 C CA  . VAL A 1 14 ? 3.156   4.611   -5.220  1.00 6.37  ? 14 VAL A CA  1 
ATOM   112 C C   . VAL A 1 14 ? 4.443   3.780   -5.240  1.00 6.33  ? 14 VAL A C   1 
ATOM   113 O O   . VAL A 1 14 ? 4.473   2.665   -5.778  1.00 6.73  ? 14 VAL A O   1 
ATOM   114 C CB  . VAL A 1 14 ? 3.178   5.719   -6.277  1.00 7.88  ? 14 VAL A CB  1 
ATOM   115 C CG1 . VAL A 1 14 ? 3.622   5.179   -7.637  1.00 10.47 ? 14 VAL A CG1 1 
ATOM   116 C CG2 . VAL A 1 14 ? 1.810   6.357   -6.382  1.00 9.86  ? 14 VAL A CG2 1 
ATOM   117 N N   . TYR A 1 15 ? 5.510   4.294   -4.670  1.00 6.41  ? 15 TYR A N   1 
ATOM   118 C CA  . TYR A 1 15 ? 6.794   3.573   -4.703  1.00 6.96  ? 15 TYR A CA  1 
ATOM   119 C C   . TYR A 1 15 ? 6.753   2.292   -3.889  1.00 7.15  ? 15 TYR A C   1 
ATOM   120 O O   . TYR A 1 15 ? 7.311   1.245   -4.254  1.00 8.14  ? 15 TYR A O   1 
ATOM   121 C CB  . TYR A 1 15 ? 7.956   4.467   -4.225  1.00 8.66  ? 15 TYR A CB  1 
ATOM   122 C CG  . TYR A 1 15 ? 8.039   5.797   -4.945  1.00 8.91  ? 15 TYR A CG  1 
ATOM   123 C CD1 . TYR A 1 15 ? 7.738   5.894   -6.289  1.00 10.15 ? 15 TYR A CD1 1 
ATOM   124 C CD2 . TYR A 1 15 ? 8.390   6.961   -4.271  1.00 9.44  ? 15 TYR A CD2 1 
ATOM   125 C CE1 . TYR A 1 15 ? 7.758   7.116   -6.943  1.00 12.15 ? 15 TYR A CE1 1 
ATOM   126 C CE2 . TYR A 1 15 ? 8.433   8.189   -4.937  1.00 10.89 ? 15 TYR A CE2 1 
ATOM   127 C CZ  . TYR A 1 15 ? 8.094   8.246   -6.253  1.00 10.52 ? 15 TYR A CZ  1 
ATOM   128 O OH  . TYR A 1 15 ? 8.128   9.453   -6.949  1.00 14.05 ? 15 TYR A OH  1 
ATOM   129 N N   . PHE A 1 16 ? 6.094   2.315   -2.739  1.00 6.34  ? 16 PHE A N   1 
ATOM   130 C CA  . PHE A 1 16 ? 5.970   1.113   -1.929  1.00 6.37  ? 16 PHE A CA  1 
ATOM   131 C C   . PHE A 1 16 ? 5.078   0.088   -2.616  1.00 5.92  ? 16 PHE A C   1 
ATOM   132 O O   . PHE A 1 16 ? 5.372   -1.106  -2.634  1.00 6.47  ? 16 PHE A O   1 
ATOM   133 C CB  . PHE A 1 16 ? 5.399   1.463   -0.546  1.00 7.00  ? 16 PHE A CB  1 
ATOM   134 C CG  . PHE A 1 16 ? 5.197   0.269   0.328   1.00 6.84  ? 16 PHE A CG  1 
ATOM   135 C CD1 . PHE A 1 16 ? 6.272   -0.345  0.998   1.00 8.13  ? 16 PHE A CD1 1 
ATOM   136 C CD2 . PHE A 1 16 ? 3.955   -0.309  0.479   1.00 6.59  ? 16 PHE A CD2 1 
ATOM   137 C CE1 . PHE A 1 16 ? 6.062   -1.486  1.763   1.00 8.78  ? 16 PHE A CE1 1 
ATOM   138 C CE2 . PHE A 1 16 ? 3.734   -1.400  1.266   1.00 7.51  ? 16 PHE A CE2 1 
ATOM   139 C CZ  . PHE A 1 16 ? 4.805   -2.012  1.883   1.00 7.74  ? 16 PHE A CZ  1 
ATOM   140 N N   . CYS A 1 17 ? 3.950   0.547   -3.135  1.00 5.38  ? 17 CYS A N   1 
ATOM   141 C CA  . CYS A 1 17 ? 2.920   -0.356  -3.648  1.00 5.37  ? 17 CYS A CA  1 
ATOM   142 C C   . CYS A 1 17 ? 3.196   -0.851  -5.036  1.00 5.53  ? 17 CYS A C   1 
ATOM   143 O O   . CYS A 1 17 ? 2.676   -1.915  -5.407  1.00 6.91  ? 17 CYS A O   1 
ATOM   144 C CB  . CYS A 1 17 ? 1.562   0.336   -3.622  1.00 5.53  ? 17 CYS A CB  1 
ATOM   145 S SG  . CYS A 1 17 ? 0.874   0.529   -1.950  1.00 5.64  ? 17 CYS A SG  1 
ATOM   146 N N   . HIS A 1 18 ? 3.962   -0.120  -5.832  1.00 5.74  ? 18 HIS A N   1 
ATOM   147 C CA  . HIS A 1 18 ? 4.200   -0.470  -7.219  1.00 6.59  ? 18 HIS A CA  1 
ATOM   148 C C   . HIS A 1 18 ? 5.669   -0.810  -7.487  1.00 6.56  ? 18 HIS A C   1 
ATOM   149 O O   . HIS A 1 18 ? 5.934   -1.438  -8.528  1.00 9.06  ? 18 HIS A O   1 
ATOM   150 C CB  . HIS A 1 18 ? 3.821   0.664   -8.145  1.00 7.55  ? 18 HIS A CB  1 
ATOM   151 C CG  . HIS A 1 18 ? 2.352   0.975   -8.156  1.00 9.06  ? 18 HIS A CG  1 
ATOM   152 N ND1 . HIS A 1 18 ? 1.560   0.793   -9.263  1.00 15.62 ? 18 HIS A ND1 1 
ATOM   153 C CD2 . HIS A 1 18 ? 1.527   1.409   -7.197  1.00 9.45  ? 18 HIS A CD2 1 
ATOM   154 C CE1 . HIS A 1 18 ? 0.324   1.176   -8.986  1.00 14.90 ? 18 HIS A CE1 1 
ATOM   155 N NE2 . HIS A 1 18 ? 0.285   1.579   -7.727  1.00 10.33 ? 18 HIS A NE2 1 
ATOM   156 O OXT . HIS A 1 18 ? 6.596   -0.407  -6.699  1.00 9.10  ? 18 HIS A OXT 1 
ATOM   157 N N   . LYS B 1 1  ? -7.679  4.059   5.260   1.00 8.01  ? 1  LYS B N   1 
ATOM   158 C CA  . LYS B 1 1  ? -6.375  3.409   4.974   1.00 7.18  ? 1  LYS B CA  1 
ATOM   159 C C   . LYS B 1 1  ? -5.659  4.179   3.900   1.00 5.49  ? 1  LYS B C   1 
ATOM   160 O O   . LYS B 1 1  ? -6.280  4.780   3.024   1.00 6.06  ? 1  LYS B O   1 
ATOM   161 C CB  . LYS B 1 1  ? -6.583  1.958   4.561   1.00 10.51 ? 1  LYS B CB  1 
ATOM   162 C CG  . LYS B 1 1  ? -7.437  1.697   3.368   1.00 13.98 ? 1  LYS B CG  1 
ATOM   163 C CD  . LYS B 1 1  ? -7.776  0.187   3.212   1.00 16.06 ? 1  LYS B CD  1 
ATOM   164 C CE  . LYS B 1 1  ? -9.041  -0.032  2.410   1.00 20.60 ? 1  LYS B CE  1 
ATOM   165 N NZ  . LYS B 1 1  ? -9.433  -1.465  2.343   1.00 23.67 ? 1  LYS B NZ  1 
ATOM   166 N N   . ARG B 1 2  ? -4.340  4.109   3.939   1.00 5.29  ? 2  ARG B N   1 
ATOM   167 C CA  . ARG B 1 2  ? -3.478  4.688   2.935   1.00 5.47  ? 2  ARG B CA  1 
ATOM   168 C C   . ARG B 1 2  ? -3.487  3.895   1.644   1.00 4.99  ? 2  ARG B C   1 
ATOM   169 O O   . ARG B 1 2  ? -3.188  4.428   0.560   1.00 5.07  ? 2  ARG B O   1 
ATOM   170 C CB  . ARG B 1 2  ? -2.072  4.805   3.510   1.00 5.77  ? 2  ARG B CB  1 
ATOM   171 C CG  . ARG B 1 2  ? -1.050  5.554   2.670   1.00 5.85  ? 2  ARG B CG  1 
ATOM   172 C CD  . ARG B 1 2  ? 0.287   5.644   3.332   1.00 5.57  ? 2  ARG B CD  1 
ATOM   173 N NE  . ARG B 1 2  ? 1.122   6.576   2.614   1.00 6.04  ? 2  ARG B NE  1 
ATOM   174 C CZ  . ARG B 1 2  ? 2.315   6.939   3.030   1.00 6.30  ? 2  ARG B CZ  1 
ATOM   175 N NH1 . ARG B 1 2  ? 2.832   6.448   4.149   1.00 7.54  ? 2  ARG B NH1 1 
ATOM   176 N NH2 . ARG B 1 2  ? 3.014   7.783   2.312   1.00 8.05  ? 2  ARG B NH2 1 
ATOM   177 N N   . CYS B 1 3  ? -3.774  2.596   1.742   1.00 4.89  ? 3  CYS B N   1 
ATOM   178 C CA  . CYS B 1 3  ? -3.725  1.670   0.620   1.00 5.13  ? 3  CYS B CA  1 
ATOM   179 C C   . CYS B 1 3  ? -4.398  0.365   1.037   1.00 5.41  ? 3  CYS B C   1 
ATOM   180 O O   . CYS B 1 3  ? -4.687  0.157   2.212   1.00 5.77  ? 3  CYS B O   1 
ATOM   181 C CB  . CYS B 1 3  ? -2.298  1.462   0.101   1.00 4.55  ? 3  CYS B CB  1 
ATOM   182 S SG  . CYS B 1 3  ? -0.943  1.388   1.316   1.00 5.00  ? 3  CYS B SG  1 
ATOM   183 N N   . SER B 1 4  ? -4.634  -0.498  0.055   1.00 5.64  ? 4  SER B N   1 
ATOM   184 C CA  . SER B 1 4  ? -5.175  -1.828  0.255   1.00 5.60  ? 4  SER B CA  1 
ATOM   185 C C   . SER B 1 4  ? -4.160  -2.851  -0.217  1.00 5.58  ? 4  SER B C   1 
ATOM   186 O O   . SER B 1 4  ? -3.689  -2.800  -1.351  1.00 6.18  ? 4  SER B O   1 
ATOM   187 C CB  A SER B 1 4  ? -6.466  -2.002  -0.538  0.70 7.64  ? 4  SER B CB  1 
ATOM   188 C CB  B SER B 1 4  ? -6.482  -1.994  -0.519  0.30 6.76  ? 4  SER B CB  1 
ATOM   189 O OG  A SER B 1 4  ? -6.912  -3.344  -0.483  0.70 10.53 ? 4  SER B OG  1 
ATOM   190 O OG  B SER B 1 4  ? -7.436  -1.023  -0.119  0.30 8.60  ? 4  SER B OG  1 
ATOM   191 N N   . CYS B 1 5  ? -3.815  -3.773  0.655   1.00 5.88  ? 5  CYS B N   1 
ATOM   192 C CA  . CYS B 1 5  ? -2.763  -4.760  0.354   1.00 6.27  ? 5  CYS B CA  1 
ATOM   193 C C   . CYS B 1 5  ? -3.264  -5.914  -0.484  1.00 6.37  ? 5  CYS B C   1 
ATOM   194 O O   . CYS B 1 5  ? -4.349  -6.448  -0.252  1.00 7.70  ? 5  CYS B O   1 
ATOM   195 C CB  . CYS B 1 5  ? -2.169  -5.289  1.659   1.00 7.04  ? 5  CYS B CB  1 
ATOM   196 S SG  . CYS B 1 5  ? -1.313  -4.011  2.587   1.00 7.29  ? 5  CYS B SG  1 
ATOM   197 N N   . SER B 1 6  ? -2.435  -6.325  -1.434  1.00 6.60  ? 6  SER B N   1 
ATOM   198 C CA  . SER B 1 6  ? -2.740  -7.487  -2.279  1.00 7.72  ? 6  SER B CA  1 
ATOM   199 C C   . SER B 1 6  ? -2.780  -8.756  -1.460  1.00 7.41  ? 6  SER B C   1 
ATOM   200 O O   . SER B 1 6  ? -3.592  -9.645  -1.759  1.00 8.20  ? 6  SER B O   1 
ATOM   201 C CB  . SER B 1 6  ? -1.706  -7.597  -3.387  1.00 8.34  ? 6  SER B CB  1 
ATOM   202 O OG  . SER B 1 6  ? -1.835  -6.485  -4.271  1.00 10.84 ? 6  SER B OG  1 
ATOM   203 N N   . SER B 1 7  ? -1.899  -8.880  -0.490  1.00 7.69  ? 7  SER B N   1 
ATOM   204 C CA  . SER B 1 7  ? -1.844  -10.015 0.408   1.00 8.19  ? 7  SER B CA  1 
ATOM   205 C C   . SER B 1 7  ? -2.068  -9.544  1.827   1.00 8.64  ? 7  SER B C   1 
ATOM   206 O O   . SER B 1 7  ? -1.287  -8.760  2.381   1.00 9.20  ? 7  SER B O   1 
ATOM   207 C CB  . SER B 1 7  ? -0.485  -10.691 0.331   1.00 8.67  ? 7  SER B CB  1 
ATOM   208 O OG  . SER B 1 7  ? -0.445  -11.703 1.318   1.00 9.67  ? 7  SER B OG  1 
ATOM   209 N N   . LEU B 1 8  ? -3.112  -10.074 2.464   1.00 10.05 ? 8  LEU B N   1 
ATOM   210 C CA  . LEU B 1 8  ? -3.399  -9.744  3.848   1.00 11.20 ? 8  LEU B CA  1 
ATOM   211 C C   . LEU B 1 8  ? -2.396  -10.378 4.818   1.00 11.99 ? 8  LEU B C   1 
ATOM   212 O O   . LEU B 1 8  ? -2.356  -9.979  5.994   1.00 13.41 ? 8  LEU B O   1 
ATOM   213 C CB  . LEU B 1 8  ? -4.824  -10.080 4.231   1.00 14.16 ? 8  LEU B CB  1 
ATOM   214 C CG  . LEU B 1 8  ? -5.863  -9.249  3.485   1.00 17.41 ? 8  LEU B CG  1 
ATOM   215 C CD1 . LEU B 1 8  ? -7.244  -9.502  4.091   1.00 21.11 ? 8  LEU B CD1 1 
ATOM   216 C CD2 . LEU B 1 8  ? -5.548  -7.740  3.495   1.00 20.54 ? 8  LEU B CD2 1 
ATOM   217 N N   . MET B 1 9  ? -1.610  -11.338 4.336   1.00 11.65 ? 9  MET B N   1 
ATOM   218 C CA  . MET B 1 9  ? -0.527  -11.941 5.104   1.00 13.42 ? 9  MET B CA  1 
ATOM   219 C C   . MET B 1 9  ? 0.802   -11.173 4.981   1.00 10.85 ? 9  MET B C   1 
ATOM   220 O O   . MET B 1 9  ? 1.796   -11.521 5.630   1.00 12.68 ? 9  MET B O   1 
ATOM   221 C CB  A MET B 1 9  ? -0.335  -13.416 4.720   0.30 13.61 ? 9  MET B CB  1 
ATOM   222 C CB  B MET B 1 9  ? -0.284  -13.370 4.591   0.70 13.56 ? 9  MET B CB  1 
ATOM   223 C CG  A MET B 1 9  ? 0.687   -13.676 3.602   0.30 16.30 ? 9  MET B CG  1 
ATOM   224 C CG  B MET B 1 9  ? -1.413  -14.359 4.757   0.70 15.44 ? 9  MET B CG  1 
ATOM   225 S SD  A MET B 1 9  ? 0.939   -15.429 3.228   0.30 20.26 ? 9  MET B SD  1 
ATOM   226 S SD  B MET B 1 9  ? -0.978  -15.970 4.039   0.70 20.94 ? 9  MET B SD  1 
ATOM   227 C CE  A MET B 1 9  ? -0.686  -15.918 2.757   0.30 17.87 ? 9  MET B CE  1 
ATOM   228 C CE  B MET B 1 9  ? -1.069  -15.755 2.343   0.70 16.89 ? 9  MET B CE  1 
ATOM   229 N N   . ASP B 1 10 ? 0.822   -10.139 4.150   1.00 9.18  ? 10 ASP B N   1 
ATOM   230 C CA  . ASP B 1 10 ? 2.009   -9.303  3.966   1.00 8.62  ? 10 ASP B CA  1 
ATOM   231 C C   . ASP B 1 10 ? 1.985   -8.246  5.054   1.00 7.23  ? 10 ASP B C   1 
ATOM   232 O O   . ASP B 1 10 ? 1.433   -7.167  4.907   1.00 7.10  ? 10 ASP B O   1 
ATOM   233 C CB  . ASP B 1 10 ? 1.929   -8.712  2.558   1.00 8.66  ? 10 ASP B CB  1 
ATOM   234 C CG  . ASP B 1 10 ? 3.050   -7.788  2.204   1.00 8.61  ? 10 ASP B CG  1 
ATOM   235 O OD1 . ASP B 1 10 ? 3.917   -7.458  3.072   1.00 9.76  ? 10 ASP B OD1 1 
ATOM   236 O OD2 . ASP B 1 10 ? 3.074   -7.307  1.039   1.00 8.65  ? 10 ASP B OD2 1 
ATOM   237 N N   . LYS B 1 11 ? 2.586   -8.592  6.190   1.00 7.27  ? 11 LYS B N   1 
ATOM   238 C CA  . LYS B 1 11 ? 2.448   -7.771  7.387   1.00 7.53  ? 11 LYS B CA  1 
ATOM   239 C C   . LYS B 1 11 ? 3.035   -6.381  7.202   1.00 6.60  ? 11 LYS B C   1 
ATOM   240 O O   . LYS B 1 11 ? 2.438   -5.403  7.648   1.00 6.57  ? 11 LYS B O   1 
ATOM   241 C CB  . LYS B 1 11 ? 3.060   -8.434  8.619   1.00 8.00  ? 11 LYS B CB  1 
ATOM   242 C CG  . LYS B 1 11 ? 2.336   -9.684  9.044   1.00 10.85 ? 11 LYS B CG  1 
ATOM   243 C CD  . LYS B 1 11 ? 2.902   -10.241 10.323  1.00 12.59 ? 11 LYS B CD  1 
ATOM   244 C CE  . LYS B 1 11 ? 2.149   -11.489 10.797  1.00 16.28 ? 11 LYS B CE  1 
ATOM   245 N NZ  . LYS B 1 11 ? 2.444   -11.989 12.163  1.00 20.40 ? 11 LYS B NZ  1 
ATOM   246 N N   . GLU B 1 12 ? 4.179   -6.249  6.543   1.00 6.17  ? 12 GLU B N   1 
ATOM   247 C CA  . GLU B 1 12 ? 4.717   -4.907  6.337   1.00 6.70  ? 12 GLU B CA  1 
ATOM   248 C C   . GLU B 1 12 ? 3.799   -4.057  5.489   1.00 6.09  ? 12 GLU B C   1 
ATOM   249 O O   . GLU B 1 12 ? 3.699   -2.857  5.726   1.00 6.43  ? 12 GLU B O   1 
ATOM   250 C CB  . GLU B 1 12 ? 6.127   -4.921  5.791   1.00 7.02  ? 12 GLU B CB  1 
ATOM   251 C CG  . GLU B 1 12 ? 7.134   -5.320  6.831   1.00 7.93  ? 12 GLU B CG  1 
ATOM   252 C CD  . GLU B 1 12 ? 8.577   -5.129  6.455   1.00 7.95  ? 12 GLU B CD  1 
ATOM   253 O OE1 . GLU B 1 12 ? 8.920   -5.101  5.250   1.00 10.39 ? 12 GLU B OE1 1 
ATOM   254 O OE2 . GLU B 1 12 ? 9.390   -5.108  7.403   1.00 7.81  ? 12 GLU B OE2 1 
ATOM   255 N N   . CYS B 1 13 ? 3.150   -4.637  4.494   1.00 5.98  ? 13 CYS B N   1 
ATOM   256 C CA  . CYS B 1 13 ? 2.135   -3.904  3.747   1.00 6.27  ? 13 CYS B CA  1 
ATOM   257 C C   . CYS B 1 13 ? 0.989   -3.511  4.645   1.00 5.76  ? 13 CYS B C   1 
ATOM   258 O O   . CYS B 1 13 ? 0.535   -2.354  4.582   1.00 6.20  ? 13 CYS B O   1 
ATOM   259 C CB  . CYS B 1 13 ? 1.662   -4.729  2.561   1.00 6.09  ? 13 CYS B CB  1 
ATOM   260 S SG  . CYS B 1 13 ? 0.445   -3.815  1.558   1.00 6.90  ? 13 CYS B SG  1 
ATOM   261 N N   . VAL B 1 14 ? 0.470   -4.426  5.445   1.00 6.15  ? 14 VAL B N   1 
ATOM   262 C CA  . VAL B 1 14 ? -0.657  -4.102  6.286   1.00 6.61  ? 14 VAL B CA  1 
ATOM   263 C C   . VAL B 1 14 ? -0.291  -2.925  7.205   1.00 6.21  ? 14 VAL B C   1 
ATOM   264 O O   . VAL B 1 14 ? -1.055  -1.969  7.379   1.00 7.22  ? 14 VAL B O   1 
ATOM   265 C CB  . VAL B 1 14 ? -1.131  -5.318  7.068   1.00 8.09  ? 14 VAL B CB  1 
ATOM   266 C CG1 . VAL B 1 14 ? -2.180  -4.921  8.124   1.00 9.92  ? 14 VAL B CG1 1 
ATOM   267 C CG2 . VAL B 1 14 ? -1.704  -6.357  6.097   1.00 9.58  ? 14 VAL B CG2 1 
ATOM   268 N N   . TYR B 1 15 ? 0.905   -2.954  7.780   1.00 6.21  ? 15 TYR B N   1 
ATOM   269 C CA  . TYR B 1 15 ? 1.323   -1.890  8.670   1.00 6.74  ? 15 TYR B CA  1 
ATOM   270 C C   . TYR B 1 15 ? 1.504   -0.549  7.933   1.00 6.70  ? 15 TYR B C   1 
ATOM   271 O O   . TYR B 1 15 ? 1.129   0.522   8.443   1.00 8.45  ? 15 TYR B O   1 
ATOM   272 C CB  . TYR B 1 15 ? 2.623   -2.239  9.357   1.00 8.07  ? 15 TYR B CB  1 
ATOM   273 C CG  . TYR B 1 15 ? 2.605   -3.511  10.178  1.00 8.31  ? 15 TYR B CG  1 
ATOM   274 C CD1 . TYR B 1 15 ? 1.402   -4.055  10.707  1.00 9.05  ? 15 TYR B CD1 1 
ATOM   275 C CD2 . TYR B 1 15 ? 3.752   -4.251  10.389  1.00 7.29  ? 15 TYR B CD2 1 
ATOM   276 C CE1 . TYR B 1 15 ? 1.413   -5.258  11.418  1.00 12.08 ? 15 TYR B CE1 1 
ATOM   277 C CE2 . TYR B 1 15 ? 3.762   -5.407  11.139  1.00 9.96  ? 15 TYR B CE2 1 
ATOM   278 C CZ  . TYR B 1 15 ? 2.594   -5.916  11.650  1.00 11.50 ? 15 TYR B CZ  1 
ATOM   279 O OH  . TYR B 1 15 ? 2.643   -7.123  12.355  1.00 14.37 ? 15 TYR B OH  1 
ATOM   280 N N   . PHE B 1 16 ? 2.071   -0.573  6.738   1.00 5.96  ? 16 PHE B N   1 
ATOM   281 C CA  . PHE B 1 16 ? 2.231   0.625   5.938   1.00 6.07  ? 16 PHE B CA  1 
ATOM   282 C C   . PHE B 1 16 ? 0.894   1.213   5.555   1.00 5.56  ? 16 PHE B C   1 
ATOM   283 O O   . PHE B 1 16 ? 0.656   2.429   5.627   1.00 6.69  ? 16 PHE B O   1 
ATOM   284 C CB  . PHE B 1 16 ? 3.051   0.312   4.679   1.00 6.33  ? 16 PHE B CB  1 
ATOM   285 C CG  . PHE B 1 16 ? 3.213   1.491   3.757   1.00 5.81  ? 16 PHE B CG  1 
ATOM   286 C CD1 . PHE B 1 16 ? 4.251   2.382   3.936   1.00 7.19  ? 16 PHE B CD1 1 
ATOM   287 C CD2 . PHE B 1 16 ? 2.339   1.708   2.715   1.00 5.32  ? 16 PHE B CD2 1 
ATOM   288 C CE1 . PHE B 1 16 ? 4.407   3.462   3.096   1.00 8.05  ? 16 PHE B CE1 1 
ATOM   289 C CE2 . PHE B 1 16 ? 2.502   2.800   1.859   1.00 5.96  ? 16 PHE B CE2 1 
ATOM   290 C CZ  . PHE B 1 16 ? 3.521   3.679   2.069   1.00 7.25  ? 16 PHE B CZ  1 
ATOM   291 N N   . CYS B 1 17 ? -0.027  0.359   5.119   1.00 5.45  ? 17 CYS B N   1 
ATOM   292 C CA  . CYS B 1 17 ? -1.310  0.812   4.585   1.00 5.58  ? 17 CYS B CA  1 
ATOM   293 C C   . CYS B 1 17 ? -2.273  1.247   5.660   1.00 6.68  ? 17 CYS B C   1 
ATOM   294 O O   . CYS B 1 17 ? -3.144  2.070   5.418   1.00 8.15  ? 17 CYS B O   1 
ATOM   295 C CB  . CYS B 1 17 ? -1.920  -0.247  3.693   1.00 6.00  ? 17 CYS B CB  1 
ATOM   296 S SG  . CYS B 1 17 ? -1.021  -0.474  2.131   1.00 5.63  ? 17 CYS B SG  1 
ATOM   297 N N   . HIS B 1 18 ? -2.130  0.741   6.873   1.00 8.45  ? 18 HIS B N   1 
ATOM   298 C CA  . HIS B 1 18 ? -2.955  1.195   7.984   1.00 10.88 ? 18 HIS B CA  1 
ATOM   299 C C   . HIS B 1 18 ? -2.308  2.341   8.754   1.00 11.71 ? 18 HIS B C   1 
ATOM   300 O O   . HIS B 1 18 ? -2.988  3.246   9.306   1.00 14.92 ? 18 HIS B O   1 
ATOM   301 C CB  . HIS B 1 18 ? -3.326  0.027   8.851   1.00 12.25 ? 18 HIS B CB  1 
ATOM   302 C CG  . HIS B 1 18 ? -4.337  -0.803  8.176   1.00 16.69 ? 18 HIS B CG  1 
ATOM   303 N ND1 . HIS B 1 18 ? -5.670  -0.460  8.189   1.00 21.85 ? 18 HIS B ND1 1 
ATOM   304 C CD2 . HIS B 1 18 ? -4.223  -1.834  7.313   1.00 20.64 ? 18 HIS B CD2 1 
ATOM   305 C CE1 . HIS B 1 18 ? -6.348  -1.324  7.459   1.00 24.25 ? 18 HIS B CE1 1 
ATOM   306 N NE2 . HIS B 1 18 ? -5.497  -2.187  6.939   1.00 24.37 ? 18 HIS B NE2 1 
ATOM   307 O OXT . HIS B 1 18 ? -1.092  2.455   8.782   1.00 13.29 ? 18 HIS B OXT 1 
HETATM 308 O O   . HOH C 2 .  ? 0.559   -7.214  -0.318  1.00 7.72  ? 19 HOH A O   1 
HETATM 309 O O   . HOH C 2 .  ? -2.476  7.011   -0.391  1.00 6.75  ? 20 HOH A O   1 
HETATM 310 O O   . HOH C 2 .  ? -5.721  8.554   -6.833  1.00 12.38 ? 21 HOH A O   1 
HETATM 311 O O   . HOH C 2 .  ? -1.956  -6.412  -8.380  0.50 16.50 ? 22 HOH A O   1 
HETATM 312 O O   . HOH C 2 .  ? 6.957   3.563   5.855   0.50 14.91 ? 23 HOH A O   1 
HETATM 313 O O   . HOH C 2 .  ? -7.252  1.921   0.306   1.00 23.89 ? 24 HOH A O   1 
HETATM 314 O O   . HOH C 2 .  ? 9.366   2.960   -1.251  0.50 16.37 ? 25 HOH A O   1 
HETATM 315 O O   . HOH C 2 .  ? 8.018   -2.593  -9.940  1.00 14.85 ? 26 HOH A O   1 
HETATM 316 O O   . HOH C 2 .  ? 1.913   13.433  -1.561  1.00 17.03 ? 27 HOH A O   1 
HETATM 317 O O   . HOH C 2 .  ? -4.082  -4.240  -4.146  1.00 19.00 ? 28 HOH A O   1 
HETATM 318 O O   . HOH C 2 .  ? -5.877  5.824   -6.642  1.00 9.07  ? 29 HOH A O   1 
HETATM 319 O O   . HOH C 2 .  ? 9.231   11.564  -6.066  1.00 20.30 ? 30 HOH A O   1 
HETATM 320 O O   . HOH C 2 .  ? 6.089   -2.942  -4.669  1.00 20.57 ? 31 HOH A O   1 
HETATM 321 O O   . HOH C 2 .  ? 4.655   -3.999  -6.601  1.00 17.71 ? 32 HOH A O   1 
HETATM 322 O O   . HOH C 2 .  ? 7.431   -2.643  -1.705  1.00 13.37 ? 33 HOH A O   1 
HETATM 323 O O   . HOH C 2 .  ? 9.595   -1.570  -0.655  1.00 27.07 ? 34 HOH A O   1 
HETATM 324 O O   . HOH C 2 .  ? -7.883  9.132   -4.824  1.00 17.54 ? 35 HOH A O   1 
HETATM 325 O O   . HOH C 2 .  ? -4.304  9.059   0.364   0.50 17.05 ? 36 HOH A O   1 
HETATM 326 O O   . HOH C 2 .  ? 0.035   -4.973  -10.878 1.00 25.06 ? 37 HOH A O   1 
HETATM 327 O O   . HOH C 2 .  ? 2.390   14.382  -5.556  1.00 23.96 ? 38 HOH A O   1 
HETATM 328 O O   . HOH C 2 .  ? -1.221  15.064  -1.351  0.50 26.69 ? 39 HOH A O   1 
HETATM 329 O O   . HOH C 2 .  ? 8.815   -1.109  -4.205  0.50 17.41 ? 40 HOH A O   1 
HETATM 330 O O   . HOH C 2 .  ? 5.107   14.379  -4.828  0.50 28.13 ? 41 HOH A O   1 
HETATM 331 O O   . HOH C 2 .  ? 4.078   12.687  -2.652  1.00 23.56 ? 42 HOH A O   1 
HETATM 332 O O   . HOH C 2 .  ? 3.856   -3.379  -9.399  1.00 26.19 ? 43 HOH A O   1 
HETATM 333 O O   . HOH C 2 .  ? -3.774  -4.579  -7.484  0.50 19.74 ? 44 HOH A O   1 
HETATM 334 O O   . HOH C 2 .  ? 6.614   10.130  -9.035  0.50 20.05 ? 45 HOH A O   1 
HETATM 335 O O   . HOH C 2 .  ? 9.337   8.804   -1.395  1.00 32.70 ? 46 HOH A O   1 
HETATM 336 O O   . HOH C 2 .  ? -3.684  13.255  -2.618  1.00 28.23 ? 47 HOH A O   1 
HETATM 337 O O   . HOH C 2 .  ? 8.282   4.046   3.487   1.00 35.03 ? 48 HOH A O   1 
HETATM 338 O O   . HOH D 2 .  ? 9.055   -4.046  2.629   1.00 17.80 ? 19 HOH B O   1 
HETATM 339 O O   . HOH D 2 .  ? 8.394   -7.039  3.421   1.00 18.76 ? 20 HOH B O   1 
HETATM 340 O O   . HOH D 2 .  ? -5.970  -4.514  5.659   1.00 30.28 ? 21 HOH B O   1 
HETATM 341 O O   . HOH D 2 .  ? -9.052  3.907   7.592   1.00 16.44 ? 22 HOH B O   1 
HETATM 342 O O   . HOH D 2 .  ? 5.377   9.661   2.591   1.00 14.96 ? 23 HOH B O   1 
HETATM 343 O O   . HOH D 2 .  ? 1.991   4.724   6.261   1.00 8.73  ? 24 HOH B O   1 
HETATM 344 O O   . HOH D 2 .  ? 4.837   -10.630 6.524   1.00 19.30 ? 25 HOH B O   1 
HETATM 345 O O   . HOH D 2 .  ? 0.122   4.557   10.309  1.00 19.35 ? 26 HOH B O   1 
HETATM 346 O O   . HOH D 2 .  ? 1.877   -13.410 7.659   1.00 25.08 ? 27 HOH B O   1 
HETATM 347 O O   . HOH D 2 .  ? 2.034   -12.788 1.599   0.50 14.98 ? 28 HOH B O   1 
HETATM 348 O O   . HOH D 2 .  ? -5.428  -9.548  -3.603  0.50 18.88 ? 29 HOH B O   1 
HETATM 349 O O   . HOH D 2 .  ? -4.081  -8.757  7.652   0.50 18.37 ? 30 HOH B O   1 
HETATM 350 O O   . HOH D 2 .  ? -11.243 -4.379  2.483   0.50 27.35 ? 31 HOH B O   1 
HETATM 351 O O   . HOH D 2 .  ? -3.405  3.464   12.177  0.50 26.27 ? 32 HOH B O   1 
HETATM 352 O O   . HOH D 2 .  ? -5.053  -3.940  3.190   0.50 14.39 ? 33 HOH B O   1 
HETATM 353 O O   . HOH D 2 .  ? -6.107  -5.206  -2.520  0.50 17.24 ? 34 HOH B O   1 
HETATM 354 O O   . HOH D 2 .  ? -0.042  -7.604  13.883  0.50 20.42 ? 35 HOH B O   1 
HETATM 355 O O   . HOH D 2 .  ? -4.822  -3.145  10.193  0.50 21.58 ? 36 HOH B O   1 
HETATM 356 O O   . HOH D 2 .  ? -7.959  -3.672  1.861   0.50 22.83 ? 37 HOH B O   1 
HETATM 357 O O   . HOH D 2 .  ? 7.144   11.586  1.268   1.00 33.02 ? 38 HOH B O   1 
HETATM 358 O O   . HOH D 2 .  ? -2.634  -13.424 2.236   1.00 27.08 ? 39 HOH B O   1 
HETATM 359 O O   . HOH D 2 .  ? -5.640  -6.517  7.520   1.00 30.73 ? 40 HOH B O   1 
HETATM 360 O O   . HOH D 2 .  ? 5.676   -8.362  5.089   1.00 12.67 ? 41 HOH B O   1 
HETATM 361 O O   . HOH D 2 .  ? -6.515  -9.800  -0.385  1.00 42.55 ? 42 HOH B O   1 
HETATM 362 O O   . HOH D 2 .  ? -2.379  -3.051  10.922  1.00 30.85 ? 43 HOH B O   1 
HETATM 363 O O   . HOH D 2 .  ? 4.240   -11.510 1.781   1.00 32.15 ? 44 HOH B O   1 
HETATM 364 O O   . HOH D 2 .  ? -5.388  -5.515  9.846   1.00 32.02 ? 45 HOH B O   1 
HETATM 365 O O   . HOH D 2 .  ? -10.129 -2.612  -0.065  1.00 45.48 ? 46 HOH B O   1 
# 
loop_
_atom_site_anisotrop.id 
_atom_site_anisotrop.type_symbol 
_atom_site_anisotrop.pdbx_label_atom_id 
_atom_site_anisotrop.pdbx_label_alt_id 
_atom_site_anisotrop.pdbx_label_comp_id 
_atom_site_anisotrop.pdbx_label_asym_id 
_atom_site_anisotrop.pdbx_label_seq_id 
_atom_site_anisotrop.pdbx_PDB_ins_code 
_atom_site_anisotrop.U[1][1] 
_atom_site_anisotrop.U[2][2] 
_atom_site_anisotrop.U[3][3] 
_atom_site_anisotrop.U[1][2] 
_atom_site_anisotrop.U[1][3] 
_atom_site_anisotrop.U[2][3] 
_atom_site_anisotrop.pdbx_auth_seq_id 
_atom_site_anisotrop.pdbx_auth_comp_id 
_atom_site_anisotrop.pdbx_auth_asym_id 
_atom_site_anisotrop.pdbx_auth_atom_id 
1   N N   . LYS A 1  ? 0.1399 0.1264 0.1121 0.0185  -0.0105 -0.0289 1  LYS A N   
2   C CA  . LYS A 1  ? 0.1264 0.1153 0.1067 0.0035  -0.0081 -0.0130 1  LYS A CA  
3   C C   . LYS A 1  ? 0.0968 0.0691 0.0971 0.0117  -0.0054 -0.0170 1  LYS A C   
4   O O   . LYS A 1  ? 0.1098 0.0830 0.0980 -0.0003 -0.0242 -0.0124 1  LYS A O   
5   C CB  . LYS A 1  ? 0.1662 0.1319 0.1237 0.0012  -0.0216 -0.0164 1  LYS A CB  
6   C CG  . LYS A 1  ? 0.1672 0.1274 0.1214 0.0129  -0.0122 -0.0243 1  LYS A CG  
7   C CD  . LYS A 1  ? 0.1744 0.1523 0.1371 0.0041  -0.0049 -0.0161 1  LYS A CD  
8   C CE  . LYS A 1  ? 0.1918 0.1924 0.1584 0.0286  -0.0082 -0.0238 1  LYS A CE  
9   N NZ  . LYS A 1  ? 0.2228 0.2410 0.2309 0.0201  -0.0277 -0.0421 1  LYS A NZ  
10  N N   . ARG A 2  ? 0.0854 0.0655 0.0798 0.0033  -0.0061 -0.0117 2  ARG A N   
11  C CA  . ARG A 2  ? 0.0801 0.0681 0.0850 0.0120  -0.0017 -0.0141 2  ARG A CA  
12  C C   . ARG A 2  ? 0.0735 0.0568 0.0857 0.0047  -0.0127 -0.0142 2  ARG A C   
13  O O   . ARG A 2  ? 0.0667 0.0628 0.0925 0.0095  -0.0088 -0.0094 2  ARG A O   
14  C CB  . ARG A 2  ? 0.0741 0.0720 0.0986 0.0239  -0.0039 -0.0137 2  ARG A CB  
15  C CG  . ARG A 2  ? 0.0756 0.0866 0.0814 0.0150  -0.0141 -0.0177 2  ARG A CG  
16  C CD  . ARG A 2  ? 0.0775 0.1065 0.0944 0.0207  -0.0037 -0.0199 2  ARG A CD  
17  N NE  . ARG A 2  ? 0.0755 0.1234 0.0869 0.0241  -0.0097 -0.0210 2  ARG A NE  
18  C CZ  . ARG A 2  ? 0.0787 0.1162 0.1142 0.0211  -0.0123 -0.0266 2  ARG A CZ  
19  N NH1 . ARG A 2  ? 0.0831 0.1568 0.1208 0.0158  -0.0242 -0.0274 2  ARG A NH1 
20  N NH2 . ARG A 2  ? 0.0902 0.1648 0.1251 0.0367  -0.0234 -0.0126 2  ARG A NH2 
21  N N   . CYS A 3  ? 0.0775 0.0730 0.0633 0.0142  -0.0012 -0.0122 3  CYS A N   
22  C CA  . CYS A 3  ? 0.0647 0.0682 0.0662 0.0016  -0.0016 -0.0127 3  CYS A CA  
23  C C   . CYS A 3  ? 0.0637 0.0665 0.0675 0.0023  -0.0047 -0.0106 3  CYS A C   
24  O O   . CYS A 3  ? 0.0681 0.0731 0.0741 0.0148  -0.0082 -0.0123 3  CYS A O   
25  C CB  . CYS A 3  ? 0.0617 0.0642 0.0696 0.0032  -0.0005 -0.0082 3  CYS A CB  
26  S SG  . CYS A 3  ? 0.0612 0.0698 0.0673 0.0009  0.0005  -0.0080 3  CYS A SG  
27  N N   . SER A 4  ? 0.0678 0.0699 0.0697 0.0109  -0.0060 -0.0088 4  SER A N   
28  C CA  . SER A 4  ? 0.0602 0.0725 0.0708 0.0079  -0.0100 -0.0091 4  SER A CA  
29  C C   . SER A 4  ? 0.0601 0.0705 0.0651 0.0063  -0.0123 -0.0070 4  SER A C   
30  O O   . SER A 4  ? 0.0737 0.0663 0.0569 -0.0050 -0.0035 -0.0057 4  SER A O   
31  C CB  . SER A 4  ? 0.0795 0.0835 0.0797 0.0042  -0.0184 -0.0229 4  SER A CB  
32  O OG  . SER A 4  ? 0.1065 0.1396 0.1247 -0.0056 -0.0137 -0.0675 4  SER A OG  
33  N N   . CYS A 5  ? 0.0560 0.0714 0.0610 -0.0011 -0.0005 -0.0081 5  CYS A N   
34  C CA  . CYS A 5  ? 0.0566 0.0737 0.0649 0.0011  -0.0075 -0.0066 5  CYS A CA  
35  C C   . CYS A 5  ? 0.0602 0.0674 0.0650 -0.0008 -0.0109 -0.0092 5  CYS A C   
36  O O   . CYS A 5  ? 0.0675 0.0851 0.0727 0.0080  -0.0080 -0.0073 5  CYS A O   
37  C CB  . CYS A 5  ? 0.0543 0.0777 0.0767 0.0030  -0.0043 -0.0045 5  CYS A CB  
38  S SG  . CYS A 5  ? 0.0619 0.0833 0.1025 0.0013  0.0068  -0.0104 5  CYS A SG  
39  N N   . SER A 6  ? 0.0611 0.0724 0.0620 -0.0012 -0.0037 -0.0046 6  SER A N   
40  C CA  . SER A 6  ? 0.0554 0.0794 0.0857 -0.0037 -0.0086 -0.0102 6  SER A CA  
41  C C   . SER A 6  ? 0.0625 0.0804 0.0824 0.0075  -0.0079 -0.0093 6  SER A C   
42  O O   . SER A 6  ? 0.0742 0.0877 0.1211 0.0077  -0.0208 0.0058  6  SER A O   
43  C CB  . SER A 6  ? 0.0751 0.0799 0.0812 -0.0060 0.0080  -0.0161 6  SER A CB  
44  O OG  . SER A 6  ? 0.0889 0.1107 0.1023 -0.0114 0.0083  -0.0096 6  SER A OG  
45  N N   . SER A 7  ? 0.0695 0.0782 0.0671 0.0029  -0.0083 0.0022  7  SER A N   
46  C CA  . SER A 7  ? 0.0886 0.0979 0.1037 -0.0063 -0.0016 0.0044  7  SER A CA  
47  C C   . SER A 7  ? 0.0947 0.0990 0.0797 -0.0138 -0.0033 0.0037  7  SER A C   
48  O O   . SER A 7  ? 0.0851 0.0962 0.0858 -0.0030 -0.0072 -0.0069 7  SER A O   
49  C CB  A SER A 7  ? 0.0938 0.0897 0.1092 0.0023  0.0151  0.0129  7  SER A CB  
50  C CB  B SER A 7  ? 0.1043 0.1061 0.1243 -0.0071 0.0124  0.0043  7  SER A CB  
51  O OG  A SER A 7  ? 0.1185 0.0633 0.1534 -0.0106 0.0141  0.0388  7  SER A OG  
52  O OG  B SER A 7  ? 0.1669 0.1475 0.1602 0.0012  0.0135  -0.0003 7  SER A OG  
53  N N   . LEU A 8  ? 0.1071 0.1290 0.0830 -0.0155 -0.0135 0.0043  8  LEU A N   
54  C CA  . LEU A 8  ? 0.1359 0.1513 0.0920 -0.0146 0.0035  -0.0041 8  LEU A CA  
55  C C   . LEU A 8  ? 0.1318 0.1438 0.0922 -0.0041 0.0049  0.0139  8  LEU A C   
56  O O   . LEU A 8  ? 0.1388 0.1637 0.1301 -0.0095 0.0313  0.0119  8  LEU A O   
57  C CB  . LEU A 8  ? 0.1691 0.1949 0.1088 -0.0109 -0.0060 -0.0050 8  LEU A CB  
58  C CG  . LEU A 8  ? 0.1994 0.2274 0.1411 -0.0256 0.0059  -0.0262 8  LEU A CG  
59  C CD1 . LEU A 8  ? 0.2484 0.2382 0.1866 -0.0347 -0.0176 -0.0313 8  LEU A CD1 
60  C CD2 . LEU A 8  ? 0.2244 0.2114 0.1868 -0.0240 -0.0015 -0.0239 8  LEU A CD2 
61  N N   . MET A 9  ? 0.1091 0.1228 0.1010 -0.0089 -0.0055 0.0277  9  MET A N   
62  C CA  . MET A 9  ? 0.1326 0.1346 0.1424 -0.0059 -0.0079 0.0178  9  MET A CA  
63  C C   . MET A 9  ? 0.1004 0.0815 0.1132 -0.0048 -0.0142 0.0061  9  MET A C   
64  O O   . MET A 9  ? 0.1231 0.0890 0.1295 -0.0252 -0.0071 0.0176  9  MET A O   
65  C CB  A MET A 9  ? 0.1329 0.1208 0.1640 0.0016  -0.0219 0.0234  9  MET A CB  
66  C CB  B MET A 9  ? 0.1470 0.1413 0.1700 -0.0008 -0.0150 0.0147  9  MET A CB  
67  C CG  A MET A 9  ? 0.1489 0.1650 0.1964 -0.0092 -0.0358 0.0205  9  MET A CG  
68  C CG  B MET A 9  ? 0.1903 0.2096 0.2115 0.0009  -0.0180 0.0181  9  MET A CG  
69  S SD  A MET A 9  ? 0.1769 0.1830 0.2599 0.0190  -0.0550 0.0261  9  MET A SD  
70  S SD  B MET A 9  ? 0.2574 0.2709 0.2902 0.0197  -0.0152 -0.0096 9  MET A SD  
71  C CE  A MET A 9  ? 0.1858 0.1991 0.1946 0.0222  -0.0076 -0.0100 9  MET A CE  
72  C CE  B MET A 9  ? 0.2146 0.2224 0.2205 0.0089  0.0191  -0.0102 9  MET A CE  
73  N N   . ASP A 10 ? 0.0836 0.0767 0.0969 -0.0062 -0.0042 0.0001  10 ASP A N   
74  C CA  . ASP A 10 ? 0.0675 0.0724 0.0851 -0.0106 0.0008  -0.0047 10 ASP A CA  
75  C C   . ASP A 10 ? 0.0652 0.0716 0.0815 -0.0177 0.0167  0.0012  10 ASP A C   
76  O O   . ASP A 10 ? 0.0678 0.0785 0.0755 -0.0110 0.0136  -0.0041 10 ASP A O   
77  C CB  . ASP A 10 ? 0.0613 0.0765 0.0779 -0.0024 0.0033  -0.0130 10 ASP A CB  
78  C CG  . ASP A 10 ? 0.0688 0.0619 0.0662 0.0018  0.0047  -0.0108 10 ASP A CG  
79  O OD1 . ASP A 10 ? 0.0549 0.0893 0.0822 0.0000  -0.0026 -0.0159 10 ASP A OD1 
80  O OD2 . ASP A 10 ? 0.0669 0.0862 0.0805 0.0014  0.0026  -0.0036 10 ASP A OD2 
81  N N   . LYS A 11 ? 0.0738 0.0719 0.1180 -0.0124 0.0214  -0.0029 11 LYS A N   
82  C CA  . LYS A 11 ? 0.0728 0.1074 0.1316 -0.0148 0.0280  -0.0007 11 LYS A CA  
83  C C   . LYS A 11 ? 0.0571 0.0898 0.1387 -0.0161 0.0294  -0.0115 11 LYS A C   
84  O O   . LYS A 11 ? 0.0750 0.1047 0.1450 -0.0169 0.0444  -0.0168 11 LYS A O   
85  C CB  . LYS A 11 ? 0.1215 0.1299 0.1626 -0.0076 0.0349  0.0229  11 LYS A CB  
86  C CG  . LYS A 11 ? 0.1509 0.1785 0.1974 -0.0031 0.0439  0.0279  11 LYS A CG  
87  C CD  . LYS A 11 ? 0.2380 0.2442 0.2056 0.0038  0.0135  0.0216  11 LYS A CD  
88  C CE  . LYS A 11 ? 0.2587 0.2684 0.2464 0.0043  -0.0124 0.0219  11 LYS A CE  
89  N NZ  . LYS A 11 ? 0.2746 0.2892 0.2511 -0.0090 -0.0082 0.0204  11 LYS A NZ  
90  N N   . GLU A 12 ? 0.0697 0.0879 0.1391 -0.0115 0.0119  -0.0206 12 GLU A N   
91  C CA  . GLU A 12 ? 0.0777 0.1084 0.1370 -0.0064 0.0017  -0.0136 12 GLU A CA  
92  C C   . GLU A 12 ? 0.0638 0.0931 0.1085 -0.0041 0.0057  -0.0152 12 GLU A C   
93  O O   . GLU A 12 ? 0.0593 0.1041 0.1221 0.0019  0.0037  -0.0169 12 GLU A O   
94  C CB  A GLU A 12 ? 0.0899 0.1169 0.1481 -0.0179 -0.0099 -0.0180 12 GLU A CB  
95  C CB  B GLU A 12 ? 0.1063 0.1333 0.1607 -0.0122 -0.0227 -0.0157 12 GLU A CB  
96  C CG  A GLU A 12 ? 0.1050 0.1318 0.1442 -0.0015 0.0018  -0.0091 12 GLU A CG  
97  C CG  B GLU A 12 ? 0.1737 0.1777 0.1882 -0.0257 -0.0295 -0.0101 12 GLU A CG  
98  C CD  A GLU A 12 ? 0.1456 0.1726 0.1671 0.0129  -0.0128 -0.0035 12 GLU A CD  
99  C CD  B GLU A 12 ? 0.2494 0.2629 0.2701 0.0050  -0.0137 -0.0019 12 GLU A CD  
100 O OE1 A GLU A 12 ? 0.1380 0.1715 0.2158 0.0257  -0.0154 -0.0281 12 GLU A OE1 
101 O OE1 B GLU A 12 ? 0.3124 0.2876 0.3201 0.0024  -0.0067 -0.0149 12 GLU A OE1 
102 O OE2 A GLU A 12 ? 0.1263 0.2048 0.1107 0.0539  0.0010  -0.0227 12 GLU A OE2 
103 O OE2 B GLU A 12 ? 0.3199 0.3114 0.2884 0.0015  -0.0124 -0.0135 12 GLU A OE2 
104 N N   . CYS A 13 ? 0.0496 0.0837 0.0850 -0.0033 0.0080  -0.0108 13 CYS A N   
105 C CA  . CYS A 13 ? 0.0557 0.0798 0.0767 -0.0042 0.0114  -0.0101 13 CYS A CA  
106 C C   . CYS A 13 ? 0.0486 0.0738 0.0915 -0.0037 0.0141  -0.0078 13 CYS A C   
107 O O   . CYS A 13 ? 0.0539 0.0720 0.0900 0.0024  0.0102  -0.0112 13 CYS A O   
108 C CB  . CYS A 13 ? 0.0510 0.0667 0.0682 -0.0019 0.0092  0.0006  13 CYS A CB  
109 S SG  . CYS A 13 ? 0.0567 0.0857 0.0981 -0.0014 0.0082  0.0083  13 CYS A SG  
110 N N   . VAL A 14 ? 0.0614 0.0734 0.0846 -0.0122 0.0122  -0.0110 14 VAL A N   
111 C CA  . VAL A 14 ? 0.0774 0.0798 0.0845 -0.0122 0.0063  -0.0095 14 VAL A CA  
112 C C   . VAL A 14 ? 0.0748 0.0865 0.0793 -0.0124 0.0230  -0.0140 14 VAL A C   
113 O O   . VAL A 14 ? 0.0897 0.0848 0.0810 -0.0115 0.0169  -0.0070 14 VAL A O   
114 C CB  . VAL A 14 ? 0.1098 0.1032 0.0862 -0.0052 0.0080  -0.0009 14 VAL A CB  
115 C CG1 . VAL A 14 ? 0.1658 0.1325 0.0994 0.0034  0.0123  0.0146  14 VAL A CG1 
116 C CG2 . VAL A 14 ? 0.1646 0.1028 0.1071 -0.0044 -0.0097 0.0217  14 VAL A CG2 
117 N N   . TYR A 15 ? 0.0647 0.0835 0.0951 -0.0122 0.0237  -0.0250 15 TYR A N   
118 C CA  . TYR A 15 ? 0.0615 0.0994 0.1032 -0.0087 0.0296  -0.0136 15 TYR A CA  
119 C C   . TYR A 15 ? 0.0719 0.0847 0.1148 -0.0144 0.0178  -0.0185 15 TYR A C   
120 O O   . TYR A 15 ? 0.1123 0.1118 0.0850 0.0015  0.0159  -0.0054 15 TYR A O   
121 C CB  . TYR A 15 ? 0.0754 0.1137 0.1399 -0.0190 0.0252  -0.0170 15 TYR A CB  
122 C CG  . TYR A 15 ? 0.0577 0.1279 0.1528 -0.0062 0.0435  -0.0158 15 TYR A CG  
123 C CD1 . TYR A 15 ? 0.0914 0.1255 0.1684 -0.0251 0.0309  0.0075  15 TYR A CD1 
124 C CD2 . TYR A 15 ? 0.0687 0.1135 0.1762 -0.0112 0.0420  -0.0264 15 TYR A CD2 
125 C CE1 . TYR A 15 ? 0.1182 0.1756 0.1676 -0.0295 0.0325  0.0253  15 TYR A CE1 
126 C CE2 . TYR A 15 ? 0.0861 0.1386 0.1888 -0.0119 0.0461  -0.0112 15 TYR A CE2 
127 C CZ  . TYR A 15 ? 0.0811 0.1289 0.1895 -0.0190 0.0469  0.0212  15 TYR A CZ  
128 O OH  . TYR A 15 ? 0.1405 0.1606 0.2326 -0.0092 0.0580  0.0479  15 TYR A OH  
129 N N   . PHE A 16 ? 0.0536 0.0909 0.0962 -0.0075 0.0100  -0.0218 16 PHE A N   
130 C CA  . PHE A 16 ? 0.0662 0.0877 0.0880 -0.0007 0.0024  -0.0200 16 PHE A CA  
131 C C   . PHE A 16 ? 0.0586 0.0880 0.0783 0.0041  0.0045  -0.0189 16 PHE A C   
132 O O   . PHE A 16 ? 0.0687 0.0859 0.0913 0.0116  -0.0005 -0.0207 16 PHE A O   
133 C CB  . PHE A 16 ? 0.0710 0.1006 0.0943 -0.0018 -0.0051 -0.0244 16 PHE A CB  
134 C CG  . PHE A 16 ? 0.0829 0.0994 0.0774 0.0054  -0.0084 -0.0187 16 PHE A CG  
135 C CD1 . PHE A 16 ? 0.0953 0.1185 0.0949 -0.0094 -0.0073 -0.0162 16 PHE A CD1 
136 C CD2 . PHE A 16 ? 0.0849 0.1015 0.0638 0.0056  -0.0190 -0.0099 16 PHE A CD2 
137 C CE1 . PHE A 16 ? 0.0932 0.1268 0.1134 0.0240  -0.0293 -0.0084 16 PHE A CE1 
138 C CE2 . PHE A 16 ? 0.0911 0.1044 0.0898 0.0082  -0.0166 -0.0100 16 PHE A CE2 
139 C CZ  . PHE A 16 ? 0.1069 0.1085 0.0784 -0.0040 -0.0140 -0.0074 16 PHE A CZ  
140 N N   . CYS A 17 ? 0.0594 0.0750 0.0700 0.0054  0.0047  -0.0078 17 CYS A N   
141 C CA  . CYS A 17 ? 0.0542 0.0734 0.0763 -0.0061 0.0047  -0.0103 17 CYS A CA  
142 C C   . CYS A 17 ? 0.0620 0.0727 0.0751 -0.0013 0.0003  0.0020  17 CYS A C   
143 O O   . CYS A 17 ? 0.0939 0.0856 0.0830 -0.0101 0.0120  -0.0052 17 CYS A O   
144 C CB  . CYS A 17 ? 0.0746 0.0662 0.0690 -0.0040 0.0106  -0.0114 17 CYS A CB  
145 S SG  . CYS A 17 ? 0.0663 0.0674 0.0803 0.0000  0.0133  -0.0064 17 CYS A SG  
146 N N   . HIS A 18 ? 0.0675 0.0823 0.0682 -0.0106 0.0138  -0.0150 18 HIS A N   
147 C CA  . HIS A 18 ? 0.0733 0.0987 0.0782 -0.0014 0.0059  -0.0085 18 HIS A CA  
148 C C   . HIS A 18 ? 0.0796 0.0923 0.0773 -0.0024 0.0093  -0.0202 18 HIS A C   
149 O O   . HIS A 18 ? 0.0967 0.1362 0.1114 0.0059  0.0207  -0.0222 18 HIS A O   
150 C CB  . HIS A 18 ? 0.0720 0.1210 0.0937 0.0017  0.0045  -0.0185 18 HIS A CB  
151 C CG  . HIS A 18 ? 0.0996 0.1666 0.0779 0.0056  -0.0037 -0.0084 18 HIS A CG  
152 N ND1 . HIS A 18 ? 0.1450 0.2826 0.1655 0.0280  -0.0038 -0.0363 18 HIS A ND1 
153 C CD2 . HIS A 18 ? 0.0812 0.1903 0.0873 0.0334  0.0019  -0.0062 18 HIS A CD2 
154 C CE1 . HIS A 18 ? 0.1268 0.2775 0.1616 0.0295  -0.0014 -0.0240 18 HIS A CE1 
155 N NE2 . HIS A 18 ? 0.1015 0.1838 0.1070 0.0202  -0.0066 -0.0301 18 HIS A NE2 
156 O OXT . HIS A 18 ? 0.1001 0.1209 0.1248 0.0023  0.0107  0.0055  18 HIS A OXT 
157 N N   . LYS B 1  ? 0.1009 0.0743 0.1289 0.0078  0.0351  0.0136  1  LYS B N   
158 C CA  . LYS B 1  ? 0.0946 0.0694 0.1087 0.0052  0.0160  0.0000  1  LYS B CA  
159 C C   . LYS B 1  ? 0.0892 0.0494 0.0699 -0.0002 0.0216  -0.0055 1  LYS B C   
160 O O   . LYS B 1  ? 0.0776 0.0670 0.0854 0.0034  0.0085  -0.0012 1  LYS B O   
161 C CB  . LYS B 1  ? 0.1266 0.0993 0.1734 0.0077  0.0337  0.0111  1  LYS B CB  
162 C CG  . LYS B 1  ? 0.1527 0.1667 0.2117 0.0059  0.0291  -0.0141 1  LYS B CG  
163 C CD  . LYS B 1  ? 0.1902 0.1889 0.2311 -0.0196 0.0216  -0.0221 1  LYS B CD  
164 C CE  . LYS B 1  ? 0.2559 0.2521 0.2746 -0.0073 -0.0089 -0.0236 1  LYS B CE  
165 N NZ  . LYS B 1  ? 0.2881 0.2756 0.3356 -0.0300 0.0036  -0.0226 1  LYS B NZ  
166 N N   . ARG B 2  ? 0.0799 0.0547 0.0662 0.0040  0.0075  -0.0090 2  ARG B N   
167 C CA  . ARG B 2  ? 0.0739 0.0668 0.0672 0.0016  0.0103  -0.0136 2  ARG B CA  
168 C C   . ARG B 2  ? 0.0624 0.0532 0.0738 -0.0044 0.0060  -0.0127 2  ARG B C   
169 O O   . ARG B 2  ? 0.0646 0.0585 0.0693 -0.0019 -0.0037 -0.0098 2  ARG B O   
170 C CB  . ARG B 2  ? 0.0903 0.0619 0.0669 0.0028  0.0062  -0.0220 2  ARG B CB  
171 C CG  . ARG B 2  ? 0.0784 0.0731 0.0705 0.0106  -0.0055 -0.0137 2  ARG B CG  
172 C CD  . ARG B 2  ? 0.0759 0.0674 0.0682 -0.0015 -0.0071 -0.0193 2  ARG B CD  
173 N NE  . ARG B 2  ? 0.0751 0.0808 0.0733 -0.0013 -0.0117 -0.0312 2  ARG B NE  
174 C CZ  . ARG B 2  ? 0.0784 0.0774 0.0835 -0.0065 -0.0048 -0.0097 2  ARG B CZ  
175 N NH1 . ARG B 2  ? 0.0901 0.0871 0.1091 -0.0149 -0.0270 -0.0037 2  ARG B NH1 
176 N NH2 . ARG B 2  ? 0.0814 0.1009 0.1233 -0.0152 -0.0363 -0.0026 2  ARG B NH2 
177 N N   . CYS B 3  ? 0.0643 0.0614 0.0601 0.0058  0.0078  -0.0078 3  CYS B N   
178 C CA  . CYS B 3  ? 0.0634 0.0653 0.0661 0.0021  0.0046  -0.0107 3  CYS B CA  
179 C C   . CYS B 3  ? 0.0741 0.0621 0.0690 -0.0019 -0.0002 -0.0045 3  CYS B C   
180 O O   . CYS B 3  ? 0.0741 0.0678 0.0771 0.0011  0.0063  -0.0028 3  CYS B O   
181 C CB  . CYS B 3  ? 0.0568 0.0617 0.0541 0.0070  -0.0057 -0.0083 3  CYS B CB  
182 S SG  . CYS B 3  ? 0.0617 0.0687 0.0594 -0.0001 0.0004  -0.0040 3  CYS B SG  
183 N N   . SER B 4  ? 0.0750 0.0634 0.0759 -0.0052 -0.0009 -0.0032 4  SER B N   
184 C CA  . SER B 4  ? 0.0660 0.0598 0.0869 -0.0053 -0.0026 -0.0066 4  SER B CA  
185 C C   . SER B 4  ? 0.0651 0.0582 0.0884 0.0006  -0.0080 -0.0097 4  SER B C   
186 O O   . SER B 4  ? 0.0713 0.0761 0.0871 0.0122  0.0031  -0.0005 4  SER B O   
187 C CB  A SER B 4  ? 0.0769 0.0824 0.1306 -0.0006 0.0015  -0.0058 4  SER B CB  
188 C CB  B SER B 4  ? 0.0745 0.0753 0.1070 -0.0025 0.0005  -0.0059 4  SER B CB  
189 O OG  A SER B 4  ? 0.1133 0.1088 0.1778 -0.0234 -0.0186 0.0159  4  SER B OG  
190 O OG  B SER B 4  ? 0.0889 0.0977 0.1401 -0.0003 0.0117  -0.0114 4  SER B OG  
191 N N   . CYS B 5  ? 0.0790 0.0634 0.0810 0.0040  0.0044  -0.0045 5  CYS B N   
192 C CA  . CYS B 5  ? 0.0824 0.0604 0.0956 0.0023  -0.0081 -0.0089 5  CYS B CA  
193 C C   . CYS B 5  ? 0.0750 0.0634 0.1034 0.0051  -0.0047 -0.0068 5  CYS B C   
194 O O   . CYS B 5  ? 0.0933 0.0793 0.1196 -0.0125 0.0077  -0.0238 5  CYS B O   
195 C CB  . CYS B 5  ? 0.0945 0.0746 0.0982 0.0035  -0.0164 -0.0057 5  CYS B CB  
196 S SG  . CYS B 5  ? 0.1017 0.0737 0.1013 0.0114  -0.0238 -0.0136 5  CYS B SG  
197 N N   . SER B 6  ? 0.0746 0.0662 0.1099 0.0025  -0.0140 -0.0165 6  SER B N   
198 C CA  . SER B 6  ? 0.1013 0.0802 0.1118 0.0022  -0.0172 -0.0192 6  SER B CA  
199 C C   . SER B 6  ? 0.0980 0.0766 0.1068 -0.0009 -0.0221 -0.0211 6  SER B C   
200 O O   . SER B 6  ? 0.1064 0.0769 0.1280 0.0060  -0.0298 -0.0278 6  SER B O   
201 C CB  . SER B 6  ? 0.1122 0.0996 0.1050 -0.0046 -0.0135 -0.0223 6  SER B CB  
202 O OG  . SER B 6  ? 0.1558 0.1315 0.1245 -0.0136 -0.0139 0.0007  6  SER B OG  
203 N N   . SER B 7  ? 0.1085 0.0700 0.1138 -0.0063 -0.0158 -0.0060 7  SER B N   
204 C CA  . SER B 7  ? 0.1169 0.0800 0.1140 -0.0064 -0.0195 -0.0093 7  SER B CA  
205 C C   . SER B 7  ? 0.1281 0.0818 0.1182 0.0013  -0.0154 -0.0060 7  SER B C   
206 O O   . SER B 7  ? 0.1435 0.0834 0.1225 0.0045  -0.0247 -0.0101 7  SER B O   
207 C CB  . SER B 7  ? 0.1244 0.0828 0.1220 0.0017  -0.0254 -0.0076 7  SER B CB  
208 O OG  . SER B 7  ? 0.1585 0.0908 0.1178 0.0059  -0.0210 -0.0058 7  SER B OG  
209 N N   . LEU B 8  ? 0.1375 0.1120 0.1324 -0.0014 -0.0066 -0.0083 8  LEU B N   
210 C CA  . LEU B 8  ? 0.1535 0.1271 0.1447 -0.0031 0.0061  -0.0100 8  LEU B CA  
211 C C   . LEU B 8  ? 0.1736 0.1364 0.1453 -0.0180 -0.0029 -0.0075 8  LEU B C   
212 O O   . LEU B 8  ? 0.2011 0.1563 0.1520 -0.0205 0.0147  0.0007  8  LEU B O   
213 C CB  . LEU B 8  ? 0.1863 0.1836 0.1679 0.0022  0.0208  -0.0098 8  LEU B CB  
214 C CG  . LEU B 8  ? 0.2114 0.2263 0.2237 0.0078  0.0214  0.0001  8  LEU B CG  
215 C CD1 . LEU B 8  ? 0.2427 0.2895 0.2699 0.0010  0.0243  0.0001  8  LEU B CD1 
216 C CD2 . LEU B 8  ? 0.2534 0.2428 0.2843 0.0162  0.0116  -0.0125 8  LEU B CD2 
217 N N   . MET B 9  ? 0.1721 0.1130 0.1575 -0.0210 -0.0237 0.0112  9  MET B N   
218 C CA  . MET B 9  ? 0.1893 0.1334 0.1870 -0.0138 -0.0257 0.0107  9  MET B CA  
219 C C   . MET B 9  ? 0.1679 0.0884 0.1558 -0.0084 -0.0461 0.0117  9  MET B C   
220 O O   . MET B 9  ? 0.1954 0.1037 0.1825 0.0065  -0.0573 0.0271  9  MET B O   
221 C CB  A MET B 9  ? 0.1902 0.1336 0.1930 -0.0143 -0.0243 0.0082  9  MET B CB  
222 C CB  B MET B 9  ? 0.1969 0.1135 0.2045 -0.0207 -0.0268 0.0089  9  MET B CB  
223 C CG  A MET B 9  ? 0.2147 0.1952 0.2093 -0.0105 -0.0141 0.0051  9  MET B CG  
224 C CG  B MET B 9  ? 0.2160 0.1400 0.2306 -0.0354 -0.0251 0.0212  9  MET B CG  
225 S SD  A MET B 9  ? 0.2777 0.2344 0.2578 -0.0036 -0.0052 -0.0059 9  MET B SD  
226 S SD  B MET B 9  ? 0.3096 0.2042 0.2816 -0.0391 0.0036  -0.0044 9  MET B SD  
227 C CE  A MET B 9  ? 0.2460 0.2216 0.2113 0.0071  0.0045  0.0020  9  MET B CE  
228 C CE  B MET B 9  ? 0.2394 0.2001 0.2021 -0.0115 0.0378  0.0085  9  MET B CE  
229 N N   . ASP B 10 ? 0.1460 0.0817 0.1209 0.0015  -0.0503 0.0013  10 ASP B N   
230 C CA  . ASP B 10 ? 0.1265 0.0833 0.1177 0.0115  -0.0402 -0.0014 10 ASP B CA  
231 C C   . ASP B 10 ? 0.1017 0.0661 0.1068 0.0048  -0.0355 0.0023  10 ASP B C   
232 O O   . ASP B 10 ? 0.1083 0.0646 0.0966 0.0054  -0.0391 -0.0065 10 ASP B O   
233 C CB  . ASP B 10 ? 0.1330 0.0817 0.1142 0.0062  -0.0300 -0.0130 10 ASP B CB  
234 C CG  . ASP B 10 ? 0.1193 0.0927 0.1151 0.0265  -0.0365 -0.0032 10 ASP B CG  
235 O OD1 . ASP B 10 ? 0.1222 0.1364 0.1121 0.0175  -0.0382 0.0091  10 ASP B OD1 
236 O OD2 . ASP B 10 ? 0.1259 0.1061 0.0965 0.0253  -0.0250 -0.0194 10 ASP B OD2 
237 N N   . LYS B 11 ? 0.1014 0.0691 0.1054 0.0126  -0.0331 -0.0023 11 LYS B N   
238 C CA  . LYS B 11 ? 0.1025 0.0788 0.1045 0.0030  -0.0246 0.0038  11 LYS B CA  
239 C C   . LYS B 11 ? 0.0891 0.0834 0.0779 0.0064  -0.0188 0.0059  11 LYS B C   
240 O O   . LYS B 11 ? 0.0868 0.0793 0.0834 0.0048  -0.0121 0.0026  11 LYS B O   
241 C CB  . LYS B 11 ? 0.1237 0.0812 0.0990 0.0028  -0.0369 0.0144  11 LYS B CB  
242 C CG  . LYS B 11 ? 0.1672 0.1132 0.1320 -0.0186 -0.0178 0.0162  11 LYS B CG  
243 C CD  . LYS B 11 ? 0.1936 0.1383 0.1464 -0.0179 -0.0152 0.0146  11 LYS B CD  
244 C CE  . LYS B 11 ? 0.2365 0.1869 0.1950 -0.0153 -0.0082 0.0412  11 LYS B CE  
245 N NZ  . LYS B 11 ? 0.2910 0.2393 0.2446 -0.0159 -0.0166 0.0531  11 LYS B NZ  
246 N N   . GLU B 12 ? 0.0745 0.0746 0.0851 0.0122  -0.0158 -0.0003 12 GLU B N   
247 C CA  . GLU B 12 ? 0.0874 0.0853 0.0816 0.0029  -0.0104 -0.0093 12 GLU B CA  
248 C C   . GLU B 12 ? 0.0729 0.0773 0.0812 -0.0035 -0.0097 -0.0074 12 GLU B C   
249 O O   . GLU B 12 ? 0.0906 0.0675 0.0860 -0.0028 -0.0172 -0.0051 12 GLU B O   
250 C CB  . GLU B 12 ? 0.0835 0.1103 0.0727 0.0078  -0.0124 -0.0097 12 GLU B CB  
251 C CG  . GLU B 12 ? 0.0877 0.1193 0.0940 0.0026  -0.0169 -0.0085 12 GLU B CG  
252 C CD  . GLU B 12 ? 0.0881 0.1293 0.0843 0.0134  0.0014  -0.0148 12 GLU B CD  
253 O OE1 . GLU B 12 ? 0.1005 0.1990 0.0951 0.0141  0.0023  -0.0100 12 GLU B OE1 
254 O OE2 . GLU B 12 ? 0.0769 0.1382 0.0817 0.0089  0.0014  -0.0104 12 GLU B OE2 
255 N N   . CYS B 13 ? 0.0767 0.0743 0.0760 0.0085  -0.0074 -0.0124 13 CYS B N   
256 C CA  . CYS B 13 ? 0.0840 0.0705 0.0837 0.0044  -0.0140 -0.0037 13 CYS B CA  
257 C C   . CYS B 13 ? 0.0890 0.0617 0.0678 -0.0033 -0.0206 0.0017  13 CYS B C   
258 O O   . CYS B 13 ? 0.0983 0.0562 0.0811 0.0069  -0.0145 -0.0056 13 CYS B O   
259 C CB  . CYS B 13 ? 0.0891 0.0694 0.0727 0.0134  -0.0139 -0.0027 13 CYS B CB  
260 S SG  . CYS B 13 ? 0.0955 0.0793 0.0874 0.0022  -0.0238 -0.0042 13 CYS B SG  
261 N N   . VAL B 14 ? 0.0815 0.0656 0.0864 -0.0007 -0.0092 0.0134  14 VAL B N   
262 C CA  . VAL B 14 ? 0.0805 0.0657 0.1046 -0.0010 -0.0099 0.0062  14 VAL B CA  
263 C C   . VAL B 14 ? 0.0819 0.0695 0.0843 0.0071  -0.0018 0.0146  14 VAL B C   
264 O O   . VAL B 14 ? 0.0888 0.0837 0.1016 0.0112  0.0056  0.0127  14 VAL B O   
265 C CB  . VAL B 14 ? 0.0921 0.0866 0.1286 -0.0146 0.0000  0.0060  14 VAL B CB  
266 C CG1 . VAL B 14 ? 0.1223 0.0935 0.1608 -0.0154 0.0180  0.0181  14 VAL B CG1 
267 C CG2 . VAL B 14 ? 0.1083 0.0996 0.1557 -0.0150 -0.0026 -0.0004 14 VAL B CG2 
268 N N   . TYR B 15 ? 0.0830 0.0759 0.0767 0.0033  -0.0042 0.0062  15 TYR B N   
269 C CA  . TYR B 15 ? 0.1055 0.0813 0.0691 -0.0001 -0.0014 0.0053  15 TYR B CA  
270 C C   . TYR B 15 ? 0.1091 0.0768 0.0685 -0.0013 -0.0113 0.0038  15 TYR B C   
271 O O   . TYR B 15 ? 0.1560 0.0880 0.0771 0.0010  0.0107  0.0045  15 TYR B O   
272 C CB  . TYR B 15 ? 0.1198 0.1006 0.0859 -0.0033 -0.0145 0.0154  15 TYR B CB  
273 C CG  . TYR B 15 ? 0.1166 0.1069 0.0921 0.0127  0.0221  0.0084  15 TYR B CG  
274 C CD1 . TYR B 15 ? 0.1146 0.1242 0.1046 0.0141  -0.0008 0.0375  15 TYR B CD1 
275 C CD2 . TYR B 15 ? 0.0908 0.0975 0.0885 -0.0008 -0.0143 -0.0080 15 TYR B CD2 
276 C CE1 . TYR B 15 ? 0.1486 0.1469 0.1632 -0.0012 -0.0081 0.0334  15 TYR B CE1 
277 C CE2 . TYR B 15 ? 0.1306 0.1297 0.1178 0.0133  0.0017  0.0089  15 TYR B CE2 
278 C CZ  . TYR B 15 ? 0.1554 0.1364 0.1449 0.0103  0.0011  0.0389  15 TYR B CZ  
279 O OH  . TYR B 15 ? 0.1997 0.1583 0.1877 0.0299  -0.0034 0.0580  15 TYR B OH  
280 N N   . PHE B 16 ? 0.0879 0.0671 0.0711 -0.0086 -0.0111 0.0104  16 PHE B N   
281 C CA  . PHE B 16 ? 0.1015 0.0645 0.0646 -0.0081 -0.0083 0.0061  16 PHE B CA  
282 C C   . PHE B 16 ? 0.1000 0.0579 0.0532 -0.0121 0.0033  0.0011  16 PHE B C   
283 O O   . PHE B 16 ? 0.1166 0.0715 0.0661 0.0014  0.0062  0.0012  16 PHE B O   
284 C CB  . PHE B 16 ? 0.0934 0.0752 0.0718 -0.0015 -0.0036 0.0045  16 PHE B CB  
285 C CG  . PHE B 16 ? 0.0828 0.0599 0.0780 -0.0065 -0.0033 0.0042  16 PHE B CG  
286 C CD1 . PHE B 16 ? 0.1011 0.0816 0.0904 -0.0108 -0.0198 0.0136  16 PHE B CD1 
287 C CD2 . PHE B 16 ? 0.0732 0.0607 0.0682 -0.0038 0.0068  0.0055  16 PHE B CD2 
288 C CE1 . PHE B 16 ? 0.1134 0.1038 0.0884 -0.0425 -0.0168 0.0153  16 PHE B CE1 
289 C CE2 . PHE B 16 ? 0.0764 0.0762 0.0736 0.0046  0.0021  -0.0001 16 PHE B CE2 
290 C CZ  . PHE B 16 ? 0.1112 0.0729 0.0911 -0.0145 0.0049  0.0021  16 PHE B CZ  
291 N N   . CYS B 17 ? 0.0876 0.0609 0.0586 0.0043  -0.0021 0.0020  17 CYS B N   
292 C CA  . CYS B 17 ? 0.0876 0.0681 0.0562 0.0077  0.0107  0.0091  17 CYS B CA  
293 C C   . CYS B 17 ? 0.1050 0.0771 0.0718 0.0139  0.0168  0.0262  17 CYS B C   
294 O O   . CYS B 17 ? 0.1115 0.1035 0.0946 0.0434  0.0238  0.0393  17 CYS B O   
295 C CB  . CYS B 17 ? 0.0598 0.0980 0.0699 0.0130  0.0042  0.0064  17 CYS B CB  
296 S SG  . CYS B 17 ? 0.0816 0.0640 0.0681 0.0063  -0.0018 -0.0023 17 CYS B SG  
297 N N   . HIS B 18 ? 0.1384 0.1008 0.0819 0.0412  0.0346  0.0158  18 HIS B N   
298 C CA  . HIS B 18 ? 0.1727 0.1337 0.1066 0.0317  0.0348  0.0200  18 HIS B CA  
299 C C   . HIS B 18 ? 0.2057 0.1356 0.1036 0.0346  0.0483  -0.0018 18 HIS B C   
300 O O   . HIS B 18 ? 0.2737 0.1365 0.1564 0.0399  0.0757  0.0102  18 HIS B O   
301 C CB  . HIS B 18 ? 0.1905 0.1497 0.1253 0.0460  0.0535  0.0177  18 HIS B CB  
302 C CG  . HIS B 18 ? 0.2157 0.2076 0.2108 0.0082  0.0398  0.0165  18 HIS B CG  
303 N ND1 . HIS B 18 ? 0.2487 0.2780 0.3033 0.0091  0.0089  0.0005  18 HIS B ND1 
304 C CD2 . HIS B 18 ? 0.2692 0.2478 0.2668 0.0001  0.0162  -0.0080 18 HIS B CD2 
305 C CE1 . HIS B 18 ? 0.2968 0.3127 0.3120 -0.0148 0.0019  -0.0076 18 HIS B CE1 
306 N NE2 . HIS B 18 ? 0.2829 0.3040 0.3391 -0.0042 0.0004  -0.0025 18 HIS B NE2 
307 O OXT . HIS B 18 ? 0.2346 0.1385 0.1318 0.0266  0.0077  -0.0045 18 HIS B OXT 
# 
